data_6CSS
#
_entry.id   6CSS
#
_cell.length_a   74.791
_cell.length_b   92.021
_cell.length_c   96.640
_cell.angle_alpha   90.000
_cell.angle_beta   90.000
_cell.angle_gamma   90.000
#
_symmetry.space_group_name_H-M   'P 21 21 21'
#
loop_
_entity.id
_entity.type
_entity.pdbx_description
1 polymer 'Hdac6 protein'
2 non-polymer 'ZINC ION'
3 non-polymer 'POTASSIUM ION'
4 non-polymer N-hydroxycyclopent-1-ene-1-carboxamide
5 non-polymer 1,2-ETHANEDIOL
6 water water
#
_entity_poly.entity_id   1
_entity_poly.type   'polypeptide(L)'
_entity_poly.pdbx_seq_one_letter_code
;SNAGGSSPITGLVYDQRMMLHHNMWDSHHPELPQRISRIFSRHEELRLLSRCHRIPARLATEEELALCHSSKHISIIKSS
EHMKPRDLNRLGDEYNSIFISNESYTCALLAAGSCFNSAQAILTGQVRNAVAIVRPPGHHAEKDTACGFCFFNTAALTAR
YAQSITRESLRVLIVDWDVHHGNGTQHIFEEDDSVLYISLHRYEDGAFFPNSEDANYDKVGLGKGRGYNVNIPWNGGKMG
DPEYMAAFHHLVMPIAREFAPELVLVSAGFDAARGDPLGGFQVTPEGYAHLTHQLMSLAAGRVLIILEGGYNLTSISESM
SMCTSMLLGDSPPSLDHLTPLKTSATVSINNVLRAHAPFWSSLR
;
_entity_poly.pdbx_strand_id   A,B
#
loop_
_chem_comp.id
_chem_comp.type
_chem_comp.name
_chem_comp.formula
EDO non-polymer 1,2-ETHANEDIOL 'C2 H6 O2'
FBJ non-polymer N-hydroxycyclopent-1-ene-1-carboxamide 'C6 H9 N O2'
K non-polymer 'POTASSIUM ION' 'K 1'
ZN non-polymer 'ZINC ION' 'Zn 2'
#
# COMPACT_ATOMS: atom_id res chain seq x y z
N PRO A 8 -16.28 20.95 14.21
CA PRO A 8 -14.95 20.62 13.69
C PRO A 8 -14.86 19.15 13.24
N ILE A 9 -15.86 18.69 12.50
CA ILE A 9 -16.00 17.29 12.14
C ILE A 9 -15.74 17.13 10.64
N THR A 10 -14.97 16.10 10.28
CA THR A 10 -14.71 15.75 8.89
C THR A 10 -15.48 14.49 8.54
N GLY A 11 -16.24 14.55 7.44
CA GLY A 11 -16.97 13.39 6.97
C GLY A 11 -16.15 12.54 6.01
N LEU A 12 -16.49 11.26 5.96
CA LEU A 12 -15.83 10.33 5.05
C LEU A 12 -16.86 9.34 4.53
N VAL A 13 -16.90 9.15 3.21
CA VAL A 13 -17.76 8.15 2.61
C VAL A 13 -16.90 7.18 1.83
N TYR A 14 -17.15 5.88 2.04
CA TYR A 14 -16.50 4.80 1.32
C TYR A 14 -17.45 3.62 1.36
N ASP A 15 -17.62 2.95 0.22
CA ASP A 15 -18.47 1.76 0.18
C ASP A 15 -17.83 0.74 -0.73
N GLN A 16 -17.56 -0.44 -0.18
CA GLN A 16 -16.87 -1.50 -0.91
C GLN A 16 -17.64 -1.94 -2.16
N ARG A 17 -18.94 -1.66 -2.23
CA ARG A 17 -19.72 -2.03 -3.41
C ARG A 17 -19.19 -1.37 -4.68
N MET A 18 -18.53 -0.22 -4.55
CA MET A 18 -17.99 0.45 -5.73
C MET A 18 -16.80 -0.29 -6.34
N MET A 19 -16.28 -1.32 -5.67
CA MET A 19 -15.23 -2.15 -6.26
C MET A 19 -15.77 -3.13 -7.30
N LEU A 20 -17.09 -3.28 -7.41
CA LEU A 20 -17.65 -4.32 -8.27
C LEU A 20 -17.53 -3.97 -9.75
N HIS A 21 -17.46 -2.67 -10.07
CA HIS A 21 -17.16 -2.23 -11.43
C HIS A 21 -15.76 -2.70 -11.82
N HIS A 22 -15.67 -3.51 -12.89
CA HIS A 22 -14.39 -4.10 -13.24
C HIS A 22 -14.30 -4.31 -14.76
N ASN A 23 -13.08 -4.56 -15.20
CA ASN A 23 -12.74 -4.77 -16.61
C ASN A 23 -12.59 -6.28 -16.82
N MET A 24 -13.57 -6.88 -17.49
CA MET A 24 -13.56 -8.34 -17.57
C MET A 24 -12.59 -8.89 -18.62
N TRP A 25 -12.09 -8.04 -19.52
CA TRP A 25 -11.09 -8.50 -20.50
C TRP A 25 -9.67 -8.19 -20.07
N ASP A 26 -9.46 -7.14 -19.29
CA ASP A 26 -8.13 -6.73 -18.82
C ASP A 26 -8.24 -6.47 -17.33
N SER A 27 -8.04 -7.52 -16.52
CA SER A 27 -8.16 -7.41 -15.08
C SER A 27 -7.06 -6.56 -14.46
N HIS A 28 -6.02 -6.22 -15.22
CA HIS A 28 -4.94 -5.35 -14.73
C HIS A 28 -5.07 -3.92 -15.23
N HIS A 29 -6.20 -3.56 -15.81
CA HIS A 29 -6.42 -2.19 -16.26
C HIS A 29 -6.23 -1.24 -15.08
N PRO A 30 -5.58 -0.09 -15.29
CA PRO A 30 -5.18 0.75 -14.15
C PRO A 30 -6.32 1.30 -13.31
N GLU A 31 -7.54 1.42 -13.84
CA GLU A 31 -8.66 1.91 -13.03
C GLU A 31 -9.24 0.72 -12.25
N LEU A 32 -8.46 0.31 -11.24
CA LEU A 32 -8.66 -0.93 -10.50
C LEU A 32 -9.70 -0.79 -9.39
N PRO A 33 -10.44 -1.85 -9.11
CA PRO A 33 -11.30 -1.85 -7.91
C PRO A 33 -10.55 -1.48 -6.64
N GLN A 34 -9.32 -1.96 -6.48
CA GLN A 34 -8.59 -1.74 -5.24
C GLN A 34 -8.06 -0.32 -5.08
N ARG A 35 -8.29 0.57 -6.06
CA ARG A 35 -7.94 1.97 -5.86
C ARG A 35 -8.62 2.53 -4.60
N ILE A 36 -9.91 2.25 -4.44
CA ILE A 36 -10.62 2.83 -3.30
C ILE A 36 -10.34 2.05 -2.02
N SER A 37 -10.21 0.72 -2.08
CA SER A 37 -9.93 -0.03 -0.86
C SER A 37 -8.53 0.28 -0.33
N ARG A 38 -7.57 0.58 -1.22
CA ARG A 38 -6.24 0.94 -0.77
C ARG A 38 -6.23 2.30 -0.08
N ILE A 39 -6.95 3.27 -0.64
CA ILE A 39 -7.05 4.57 0.01
C ILE A 39 -7.69 4.43 1.38
N PHE A 40 -8.78 3.67 1.45
CA PHE A 40 -9.46 3.44 2.72
C PHE A 40 -8.54 2.77 3.74
N SER A 41 -7.79 1.76 3.30
CA SER A 41 -6.88 1.05 4.21
CA SER A 41 -6.90 1.05 4.22
C SER A 41 -5.81 1.98 4.76
N ARG A 42 -5.29 2.89 3.92
CA ARG A 42 -4.27 3.81 4.38
C ARG A 42 -4.83 4.79 5.40
N HIS A 43 -6.11 5.17 5.25
CA HIS A 43 -6.75 5.99 6.27
C HIS A 43 -6.83 5.25 7.60
N GLU A 44 -7.07 3.95 7.56
CA GLU A 44 -7.11 3.16 8.79
C GLU A 44 -5.72 3.03 9.40
N GLU A 45 -4.71 2.77 8.56
CA GLU A 45 -3.33 2.63 9.03
C GLU A 45 -2.84 3.88 9.74
N LEU A 46 -3.15 5.05 9.19
CA LEU A 46 -2.73 6.32 9.77
C LEU A 46 -3.66 6.78 10.88
N ARG A 47 -4.65 5.97 11.23
CA ARG A 47 -5.62 6.28 12.29
C ARG A 47 -6.39 7.56 11.98
N LEU A 48 -6.58 7.84 10.68
CA LEU A 48 -7.40 8.95 10.26
C LEU A 48 -8.89 8.58 10.21
N LEU A 49 -9.18 7.30 9.96
CA LEU A 49 -10.57 6.89 9.76
C LEU A 49 -11.39 7.08 11.02
N SER A 50 -10.84 6.72 12.19
N SER A 50 -10.85 6.72 12.19
CA SER A 50 -11.57 6.87 13.44
CA SER A 50 -11.57 6.86 13.44
C SER A 50 -11.76 8.31 13.85
C SER A 50 -11.82 8.32 13.79
N ARG A 51 -11.06 9.25 13.22
CA ARG A 51 -11.23 10.66 13.49
C ARG A 51 -12.32 11.30 12.63
N CYS A 52 -12.82 10.58 11.63
CA CYS A 52 -13.85 11.07 10.73
C CYS A 52 -15.22 10.55 11.13
N HIS A 53 -16.25 11.29 10.73
CA HIS A 53 -17.63 10.82 10.84
C HIS A 53 -18.01 10.10 9.56
N ARG A 54 -18.40 8.84 9.68
CA ARG A 54 -18.73 8.05 8.51
C ARG A 54 -20.07 8.48 7.93
N ILE A 55 -20.08 8.80 6.64
CA ILE A 55 -21.29 9.18 5.91
C ILE A 55 -21.69 8.02 5.02
N PRO A 56 -22.94 7.60 5.02
CA PRO A 56 -23.33 6.44 4.22
C PRO A 56 -23.39 6.75 2.74
N ALA A 57 -23.11 5.73 1.94
CA ALA A 57 -23.32 5.80 0.50
C ALA A 57 -24.80 5.60 0.18
N ARG A 58 -25.20 6.09 -0.99
CA ARG A 58 -26.53 5.82 -1.50
C ARG A 58 -26.49 5.88 -3.01
N LEU A 59 -27.53 5.34 -3.64
CA LEU A 59 -27.67 5.44 -5.08
C LEU A 59 -28.21 6.81 -5.45
N ALA A 60 -27.58 7.45 -6.44
CA ALA A 60 -28.21 8.56 -7.11
C ALA A 60 -29.48 8.08 -7.78
N THR A 61 -30.49 8.95 -7.83
CA THR A 61 -31.70 8.63 -8.57
C THR A 61 -31.55 9.08 -10.02
N GLU A 62 -32.44 8.59 -10.88
CA GLU A 62 -32.41 8.99 -12.29
C GLU A 62 -32.77 10.47 -12.44
N GLU A 63 -33.69 10.96 -11.61
CA GLU A 63 -33.98 12.40 -11.62
C GLU A 63 -32.73 13.22 -11.28
N GLU A 64 -31.94 12.74 -10.32
CA GLU A 64 -30.71 13.45 -9.98
C GLU A 64 -29.71 13.42 -11.12
N LEU A 65 -29.58 12.26 -11.80
CA LEU A 65 -28.68 12.19 -12.94
C LEU A 65 -29.07 13.19 -14.04
N ALA A 66 -30.37 13.43 -14.21
CA ALA A 66 -30.83 14.36 -15.23
C ALA A 66 -30.48 15.82 -14.92
N LEU A 67 -29.95 16.09 -13.72
CA LEU A 67 -29.45 17.43 -13.44
C LEU A 67 -28.34 17.83 -14.41
N CYS A 68 -27.59 16.86 -14.92
CA CYS A 68 -26.50 17.13 -15.85
C CYS A 68 -26.52 16.29 -17.11
N HIS A 69 -27.20 15.17 -17.15
CA HIS A 69 -27.05 14.22 -18.24
C HIS A 69 -28.34 14.06 -19.01
N SER A 70 -28.19 13.72 -20.29
CA SER A 70 -29.33 13.48 -21.16
C SER A 70 -30.04 12.19 -20.78
N SER A 71 -31.34 12.14 -21.07
CA SER A 71 -32.10 10.92 -20.82
C SER A 71 -31.58 9.76 -21.66
N LYS A 72 -31.11 10.05 -22.88
CA LYS A 72 -30.57 8.99 -23.73
C LYS A 72 -29.33 8.37 -23.09
N HIS A 73 -28.39 9.19 -22.65
CA HIS A 73 -27.17 8.68 -22.02
C HIS A 73 -27.50 7.88 -20.76
N ILE A 74 -28.38 8.42 -19.91
CA ILE A 74 -28.79 7.70 -18.71
C ILE A 74 -29.37 6.33 -19.07
N SER A 75 -30.23 6.30 -20.09
CA SER A 75 -30.89 5.04 -20.44
CA SER A 75 -30.89 5.04 -20.44
C SER A 75 -29.90 4.01 -20.98
N ILE A 76 -28.89 4.46 -21.73
CA ILE A 76 -27.94 3.52 -22.30
C ILE A 76 -27.09 2.89 -21.20
N ILE A 77 -26.50 3.70 -20.32
CA ILE A 77 -25.72 3.15 -19.23
C ILE A 77 -26.58 2.28 -18.34
N LYS A 78 -27.82 2.71 -18.08
CA LYS A 78 -28.75 1.90 -17.30
C LYS A 78 -28.98 0.54 -17.95
N SER A 79 -29.12 0.52 -19.28
CA SER A 79 -29.37 -0.73 -19.98
C SER A 79 -28.20 -1.70 -19.90
N SER A 80 -26.99 -1.21 -19.64
CA SER A 80 -25.83 -2.10 -19.60
C SER A 80 -25.88 -3.07 -18.44
N GLU A 81 -26.71 -2.79 -17.42
CA GLU A 81 -26.81 -3.68 -16.27
C GLU A 81 -27.31 -5.07 -16.65
N HIS A 82 -28.05 -5.19 -17.75
CA HIS A 82 -28.62 -6.47 -18.17
C HIS A 82 -27.95 -7.01 -19.44
N MET A 83 -26.84 -6.43 -19.85
CA MET A 83 -26.20 -6.85 -21.10
C MET A 83 -25.31 -8.07 -20.88
N LYS A 84 -25.19 -8.87 -21.94
CA LYS A 84 -24.22 -9.94 -21.99
C LYS A 84 -22.84 -9.36 -22.28
N PRO A 85 -21.76 -10.10 -21.95
CA PRO A 85 -20.40 -9.59 -22.22
C PRO A 85 -20.18 -9.10 -23.65
N ARG A 86 -20.76 -9.76 -24.65
CA ARG A 86 -20.61 -9.28 -26.02
C ARG A 86 -21.25 -7.92 -26.20
N ASP A 87 -22.42 -7.70 -25.61
CA ASP A 87 -23.04 -6.38 -25.62
C ASP A 87 -22.20 -5.38 -24.85
N LEU A 88 -21.67 -5.79 -23.69
CA LEU A 88 -20.87 -4.88 -22.87
C LEU A 88 -19.58 -4.49 -23.59
N ASN A 89 -18.94 -5.44 -24.26
CA ASN A 89 -17.71 -5.16 -24.99
C ASN A 89 -17.96 -4.14 -26.10
N ARG A 90 -18.96 -4.40 -26.94
CA ARG A 90 -19.23 -3.51 -28.07
C ARG A 90 -19.71 -2.13 -27.60
N LEU A 91 -20.49 -2.08 -26.51
CA LEU A 91 -20.95 -0.79 -26.01
C LEU A 91 -19.77 0.04 -25.49
N GLY A 92 -18.92 -0.59 -24.68
CA GLY A 92 -17.76 0.12 -24.16
C GLY A 92 -16.85 0.65 -25.26
N ASP A 93 -16.66 -0.16 -26.32
CA ASP A 93 -15.81 0.27 -27.42
C ASP A 93 -16.42 1.40 -28.24
N GLU A 94 -17.70 1.71 -28.05
CA GLU A 94 -18.29 2.88 -28.69
C GLU A 94 -17.79 4.18 -28.08
N TYR A 95 -17.31 4.16 -26.84
CA TYR A 95 -16.84 5.34 -26.16
C TYR A 95 -15.31 5.45 -26.23
N ASN A 96 -14.81 6.62 -25.88
CA ASN A 96 -13.38 6.86 -25.75
C ASN A 96 -12.94 6.39 -24.37
N SER A 97 -12.21 5.27 -24.33
CA SER A 97 -11.55 4.77 -23.12
C SER A 97 -12.57 4.44 -22.02
N ILE A 98 -13.41 3.45 -22.30
CA ILE A 98 -14.44 3.00 -21.35
C ILE A 98 -14.47 1.47 -21.34
N PHE A 99 -14.49 0.89 -20.15
CA PHE A 99 -14.90 -0.51 -19.98
C PHE A 99 -16.14 -0.55 -19.10
N ILE A 100 -17.00 -1.55 -19.36
CA ILE A 100 -18.28 -1.67 -18.69
C ILE A 100 -18.47 -3.11 -18.23
N SER A 101 -19.00 -3.28 -17.03
CA SER A 101 -19.47 -4.56 -16.54
C SER A 101 -20.91 -4.40 -16.07
N ASN A 102 -21.53 -5.52 -15.71
CA ASN A 102 -22.94 -5.47 -15.30
C ASN A 102 -23.13 -4.64 -14.04
N GLU A 103 -22.07 -4.38 -13.28
CA GLU A 103 -22.13 -3.61 -12.04
C GLU A 103 -21.75 -2.15 -12.22
N SER A 104 -21.32 -1.74 -13.42
CA SER A 104 -20.80 -0.40 -13.62
C SER A 104 -21.84 0.67 -13.32
N TYR A 105 -23.07 0.49 -13.82
CA TYR A 105 -24.13 1.46 -13.61
C TYR A 105 -24.38 1.68 -12.12
N THR A 106 -24.56 0.58 -11.37
CA THR A 106 -24.77 0.67 -9.93
C THR A 106 -23.62 1.40 -9.25
N CYS A 107 -22.38 1.13 -9.68
CA CYS A 107 -21.23 1.76 -9.05
C CYS A 107 -21.20 3.25 -9.33
N ALA A 108 -21.52 3.65 -10.56
CA ALA A 108 -21.57 5.08 -10.89
C ALA A 108 -22.65 5.78 -10.09
N LEU A 109 -23.82 5.13 -9.91
CA LEU A 109 -24.87 5.70 -9.06
C LEU A 109 -24.39 5.87 -7.63
N LEU A 110 -23.65 4.90 -7.10
CA LEU A 110 -23.17 4.97 -5.72
C LEU A 110 -22.12 6.06 -5.57
N ALA A 111 -21.28 6.24 -6.58
CA ALA A 111 -20.28 7.31 -6.52
C ALA A 111 -20.97 8.67 -6.40
N ALA A 112 -21.98 8.90 -7.24
CA ALA A 112 -22.70 10.18 -7.22
C ALA A 112 -23.49 10.34 -5.93
N GLY A 113 -24.26 9.32 -5.55
CA GLY A 113 -25.06 9.42 -4.34
C GLY A 113 -24.24 9.59 -3.08
N SER A 114 -23.06 8.98 -3.04
CA SER A 114 -22.15 9.20 -1.92
C SER A 114 -21.76 10.66 -1.81
N CYS A 115 -21.50 11.30 -2.94
CA CYS A 115 -21.10 12.70 -2.90
C CYS A 115 -22.28 13.62 -2.61
N PHE A 116 -23.49 13.22 -3.02
CA PHE A 116 -24.68 13.97 -2.64
C PHE A 116 -24.86 13.99 -1.14
N ASN A 117 -24.76 12.81 -0.50
CA ASN A 117 -24.89 12.74 0.95
C ASN A 117 -23.80 13.55 1.65
N SER A 118 -22.59 13.57 1.08
CA SER A 118 -21.51 14.33 1.68
C SER A 118 -21.74 15.83 1.55
N ALA A 119 -22.18 16.28 0.37
CA ALA A 119 -22.49 17.69 0.20
C ALA A 119 -23.63 18.11 1.12
N GLN A 120 -24.63 17.25 1.27
CA GLN A 120 -25.74 17.56 2.17
C GLN A 120 -25.27 17.67 3.62
N ALA A 121 -24.37 16.78 4.04
CA ALA A 121 -23.84 16.86 5.40
C ALA A 121 -23.04 18.15 5.61
N ILE A 122 -22.31 18.58 4.59
CA ILE A 122 -21.56 19.83 4.69
C ILE A 122 -22.50 21.03 4.73
N LEU A 123 -23.49 21.05 3.84
CA LEU A 123 -24.35 22.23 3.70
C LEU A 123 -25.34 22.38 4.84
N THR A 124 -25.66 21.30 5.54
CA THR A 124 -26.51 21.37 6.73
C THR A 124 -25.71 21.52 8.02
N GLY A 125 -24.38 21.51 7.94
CA GLY A 125 -23.58 21.69 9.13
C GLY A 125 -23.36 20.44 9.96
N GLN A 126 -23.75 19.26 9.47
CA GLN A 126 -23.43 18.03 10.16
C GLN A 126 -21.93 17.83 10.25
N VAL A 127 -21.20 18.15 9.17
CA VAL A 127 -19.75 18.09 9.13
C VAL A 127 -19.25 19.42 8.58
N ARG A 128 -17.98 19.71 8.89
CA ARG A 128 -17.35 20.92 8.37
C ARG A 128 -16.90 20.72 6.93
N ASN A 129 -16.36 19.54 6.62
CA ASN A 129 -15.80 19.20 5.32
C ASN A 129 -15.87 17.69 5.18
N ALA A 130 -15.45 17.18 4.02
CA ALA A 130 -15.61 15.75 3.80
C ALA A 130 -14.72 15.24 2.67
N VAL A 131 -14.50 13.93 2.68
N VAL A 131 -14.47 13.93 2.70
CA VAL A 131 -13.73 13.25 1.66
CA VAL A 131 -13.73 13.22 1.67
C VAL A 131 -14.55 12.09 1.14
C VAL A 131 -14.61 12.11 1.13
N ALA A 132 -14.55 11.90 -0.18
CA ALA A 132 -15.35 10.87 -0.84
C ALA A 132 -14.42 9.93 -1.61
N ILE A 133 -14.28 8.70 -1.10
CA ILE A 133 -13.41 7.69 -1.71
C ILE A 133 -14.29 6.86 -2.63
N VAL A 134 -14.42 7.30 -3.89
CA VAL A 134 -15.42 6.77 -4.81
C VAL A 134 -14.78 6.41 -6.14
N ARG A 135 -15.41 5.46 -6.83
CA ARG A 135 -15.11 5.11 -8.21
C ARG A 135 -16.37 4.50 -8.81
N PRO A 136 -16.51 4.50 -10.15
CA PRO A 136 -15.65 5.08 -11.19
C PRO A 136 -15.59 6.60 -11.10
N PRO A 137 -14.54 7.20 -11.68
CA PRO A 137 -14.42 8.68 -11.65
C PRO A 137 -15.48 9.36 -12.51
N GLY A 138 -15.46 10.69 -12.57
CA GLY A 138 -16.54 11.40 -13.22
C GLY A 138 -16.21 12.53 -14.18
N HIS A 139 -15.04 13.17 -14.05
CA HIS A 139 -14.90 14.49 -14.66
C HIS A 139 -14.76 14.47 -16.18
N HIS A 140 -14.53 13.31 -16.80
CA HIS A 140 -14.54 13.22 -18.25
C HIS A 140 -15.94 12.99 -18.82
N ALA A 141 -16.91 12.63 -17.99
CA ALA A 141 -18.25 12.34 -18.47
C ALA A 141 -18.95 13.61 -18.94
N GLU A 142 -19.54 13.53 -20.13
CA GLU A 142 -20.26 14.65 -20.73
C GLU A 142 -21.76 14.50 -20.49
N LYS A 143 -22.50 15.55 -20.85
CA LYS A 143 -23.95 15.50 -20.74
C LYS A 143 -24.50 14.25 -21.42
N ASP A 144 -23.98 13.92 -22.59
CA ASP A 144 -24.58 12.92 -23.47
C ASP A 144 -23.69 11.71 -23.73
N THR A 145 -22.54 11.58 -23.07
CA THR A 145 -21.71 10.41 -23.34
C THR A 145 -20.74 10.16 -22.20
N ALA A 146 -20.31 8.90 -22.10
CA ALA A 146 -19.26 8.48 -21.18
C ALA A 146 -17.90 8.64 -21.85
N CYS A 147 -16.86 8.77 -21.01
CA CYS A 147 -15.53 9.03 -21.55
C CYS A 147 -14.49 8.86 -20.47
N GLY A 148 -13.31 8.35 -20.86
CA GLY A 148 -12.14 8.33 -20.00
C GLY A 148 -12.38 7.74 -18.62
N PHE A 149 -12.94 6.54 -18.58
CA PHE A 149 -13.26 5.76 -17.38
C PHE A 149 -14.44 6.33 -16.60
N CYS A 150 -15.11 7.38 -17.10
CA CYS A 150 -16.17 8.06 -16.37
C CYS A 150 -17.52 7.83 -17.05
N PHE A 151 -18.55 7.56 -16.25
CA PHE A 151 -19.90 7.36 -16.76
C PHE A 151 -20.81 8.57 -16.51
N PHE A 152 -20.86 9.05 -15.27
CA PHE A 152 -21.62 10.24 -14.93
C PHE A 152 -20.70 11.22 -14.20
N ASN A 153 -20.93 12.51 -14.42
CA ASN A 153 -20.00 13.52 -13.90
C ASN A 153 -20.36 13.79 -12.45
N THR A 154 -19.72 13.02 -11.56
CA THR A 154 -20.03 13.08 -10.14
C THR A 154 -19.91 14.49 -9.58
N ALA A 155 -18.79 15.18 -9.88
CA ALA A 155 -18.58 16.52 -9.33
C ALA A 155 -19.61 17.51 -9.86
N ALA A 156 -19.88 17.48 -11.17
CA ALA A 156 -20.89 18.35 -11.74
C ALA A 156 -22.26 18.09 -11.14
N LEU A 157 -22.62 16.81 -11.00
CA LEU A 157 -23.89 16.45 -10.38
C LEU A 157 -23.97 16.96 -8.94
N THR A 158 -22.88 16.85 -8.20
CA THR A 158 -22.88 17.29 -6.81
C THR A 158 -23.07 18.79 -6.70
N ALA A 159 -22.48 19.55 -7.62
CA ALA A 159 -22.70 21.00 -7.64
C ALA A 159 -24.17 21.32 -7.85
N ARG A 160 -24.82 20.65 -8.82
CA ARG A 160 -26.23 20.89 -9.09
C ARG A 160 -27.10 20.38 -7.94
N TYR A 161 -26.74 19.22 -7.37
CA TYR A 161 -27.48 18.73 -6.21
C TYR A 161 -27.40 19.72 -5.06
N ALA A 162 -26.21 20.27 -4.82
CA ALA A 162 -26.03 21.26 -3.76
C ALA A 162 -26.96 22.45 -3.97
N GLN A 163 -27.05 22.93 -5.22
CA GLN A 163 -27.94 24.06 -5.51
C GLN A 163 -29.39 23.68 -5.28
N SER A 164 -29.74 22.41 -5.51
CA SER A 164 -31.14 22.00 -5.40
C SER A 164 -31.62 21.96 -3.95
N ILE A 165 -30.70 21.81 -2.99
CA ILE A 165 -31.08 21.77 -1.59
C ILE A 165 -30.75 23.06 -0.86
N THR A 166 -30.23 24.08 -1.55
CA THR A 166 -29.96 25.36 -0.92
C THR A 166 -30.71 26.42 -1.71
N ARG A 167 -30.06 27.11 -2.64
CA ARG A 167 -30.75 27.96 -3.59
C ARG A 167 -30.09 27.78 -4.96
N GLU A 168 -30.86 28.07 -6.01
CA GLU A 168 -30.41 27.74 -7.36
C GLU A 168 -29.09 28.40 -7.72
N SER A 169 -28.80 29.58 -7.17
CA SER A 169 -27.61 30.33 -7.53
C SER A 169 -26.47 30.17 -6.52
N LEU A 170 -26.50 29.12 -5.71
CA LEU A 170 -25.40 28.86 -4.79
C LEU A 170 -24.08 28.82 -5.55
N ARG A 171 -23.09 29.58 -5.05
CA ARG A 171 -21.81 29.70 -5.73
C ARG A 171 -20.95 28.50 -5.38
N VAL A 172 -20.71 27.64 -6.37
CA VAL A 172 -19.90 26.44 -6.19
C VAL A 172 -18.61 26.60 -6.97
N LEU A 173 -17.48 26.41 -6.29
CA LEU A 173 -16.19 26.33 -6.93
C LEU A 173 -15.82 24.86 -7.11
N ILE A 174 -15.44 24.49 -8.33
CA ILE A 174 -14.88 23.17 -8.59
C ILE A 174 -13.42 23.35 -8.98
N VAL A 175 -12.52 22.85 -8.14
CA VAL A 175 -11.09 22.83 -8.44
C VAL A 175 -10.73 21.41 -8.85
N ASP A 176 -10.20 21.26 -10.06
CA ASP A 176 -9.92 19.95 -10.65
C ASP A 176 -8.40 19.85 -10.78
N TRP A 177 -7.76 19.14 -9.86
CA TRP A 177 -6.31 18.98 -9.92
C TRP A 177 -5.88 17.60 -10.39
N ASP A 178 -6.82 16.77 -10.86
CA ASP A 178 -6.46 15.61 -11.67
C ASP A 178 -5.55 16.06 -12.80
N VAL A 179 -4.61 15.20 -13.20
CA VAL A 179 -3.64 15.62 -14.20
C VAL A 179 -4.27 15.83 -15.57
N HIS A 180 -5.46 15.30 -15.80
CA HIS A 180 -6.16 15.46 -17.07
C HIS A 180 -7.21 16.56 -16.97
N HIS A 181 -7.47 17.20 -18.11
CA HIS A 181 -8.53 18.20 -18.17
C HIS A 181 -9.88 17.55 -17.95
N GLY A 182 -10.69 18.14 -17.08
CA GLY A 182 -12.06 17.68 -16.90
C GLY A 182 -12.98 18.23 -17.97
N ASN A 183 -12.88 17.65 -19.17
CA ASN A 183 -13.63 18.16 -20.32
C ASN A 183 -15.13 18.16 -20.06
N GLY A 184 -15.64 17.12 -19.40
CA GLY A 184 -17.07 17.05 -19.13
C GLY A 184 -17.52 18.16 -18.20
N THR A 185 -16.75 18.41 -17.14
CA THR A 185 -17.13 19.45 -16.18
C THR A 185 -17.10 20.82 -16.82
N GLN A 186 -16.07 21.11 -17.62
CA GLN A 186 -16.01 22.39 -18.32
C GLN A 186 -17.23 22.58 -19.21
N HIS A 187 -17.56 21.56 -20.01
CA HIS A 187 -18.67 21.70 -20.95
C HIS A 187 -20.00 21.85 -20.24
N ILE A 188 -20.21 21.11 -19.15
CA ILE A 188 -21.49 21.16 -18.44
C ILE A 188 -21.75 22.57 -17.91
N PHE A 189 -20.72 23.24 -17.43
CA PHE A 189 -20.87 24.56 -16.81
C PHE A 189 -20.35 25.70 -17.66
N GLU A 190 -20.06 25.47 -18.95
CA GLU A 190 -19.36 26.49 -19.73
C GLU A 190 -20.16 27.79 -19.84
N GLU A 191 -21.50 27.71 -19.80
CA GLU A 191 -22.35 28.90 -19.91
C GLU A 191 -22.92 29.33 -18.56
N ASP A 192 -22.31 28.88 -17.46
CA ASP A 192 -22.87 29.05 -16.12
C ASP A 192 -21.94 29.91 -15.29
N ASP A 193 -22.48 30.95 -14.67
CA ASP A 193 -21.69 31.81 -13.78
C ASP A 193 -21.90 31.49 -12.30
N SER A 194 -22.71 30.48 -11.97
CA SER A 194 -22.88 30.05 -10.59
C SER A 194 -21.91 28.96 -10.20
N VAL A 195 -21.26 28.31 -11.17
CA VAL A 195 -20.27 27.27 -10.91
C VAL A 195 -18.98 27.70 -11.58
N LEU A 196 -17.99 28.06 -10.78
CA LEU A 196 -16.66 28.40 -11.29
C LEU A 196 -15.83 27.12 -11.40
N TYR A 197 -15.36 26.82 -12.60
CA TYR A 197 -14.52 25.64 -12.84
C TYR A 197 -13.08 26.09 -13.04
N ILE A 198 -12.17 25.55 -12.23
CA ILE A 198 -10.74 25.80 -12.36
C ILE A 198 -10.04 24.46 -12.50
N SER A 199 -9.36 24.25 -13.62
CA SER A 199 -8.65 23.01 -13.87
C SER A 199 -7.17 23.29 -14.09
N LEU A 200 -6.32 22.51 -13.42
CA LEU A 200 -4.91 22.42 -13.74
C LEU A 200 -4.67 21.07 -14.42
N HIS A 201 -3.90 21.07 -15.51
CA HIS A 201 -3.79 19.82 -16.24
C HIS A 201 -2.60 19.83 -17.18
N ARG A 202 -2.03 18.65 -17.37
CA ARG A 202 -1.04 18.46 -18.42
C ARG A 202 -1.72 18.58 -19.78
N TYR A 203 -1.18 19.43 -20.65
CA TYR A 203 -1.81 19.79 -21.91
C TYR A 203 -0.96 19.44 -23.11
N GLU A 204 0.31 19.83 -23.11
CA GLU A 204 1.26 19.52 -24.19
C GLU A 204 0.71 19.94 -25.54
N ASP A 205 0.17 21.17 -25.60
CA ASP A 205 -0.36 21.74 -26.82
C ASP A 205 -1.45 20.85 -27.44
N GLY A 206 -2.20 20.16 -26.58
CA GLY A 206 -3.24 19.27 -27.03
C GLY A 206 -2.80 17.82 -27.21
N ALA A 207 -1.55 17.50 -26.97
CA ALA A 207 -1.03 16.14 -27.15
C ALA A 207 -1.00 15.38 -25.83
N PHE A 208 -2.12 15.43 -25.11
CA PHE A 208 -2.29 14.66 -23.88
C PHE A 208 -3.79 14.48 -23.69
N PHE A 209 -4.18 13.27 -23.27
CA PHE A 209 -5.60 12.99 -23.09
C PHE A 209 -6.26 14.08 -22.24
N PRO A 210 -7.47 14.54 -22.61
CA PRO A 210 -8.33 14.03 -23.69
C PRO A 210 -8.13 14.64 -25.08
N ASN A 211 -6.96 15.23 -25.34
CA ASN A 211 -6.50 15.54 -26.70
C ASN A 211 -7.34 16.61 -27.38
N SER A 212 -7.75 17.65 -26.66
CA SER A 212 -8.58 18.71 -27.22
C SER A 212 -8.03 20.07 -26.82
N GLU A 213 -8.08 21.01 -27.77
CA GLU A 213 -7.70 22.39 -27.45
C GLU A 213 -8.74 23.08 -26.58
N ASP A 214 -9.86 22.42 -26.27
CA ASP A 214 -10.79 22.93 -25.26
C ASP A 214 -10.11 23.19 -23.93
N ALA A 215 -8.98 22.52 -23.66
CA ALA A 215 -8.28 22.62 -22.39
C ALA A 215 -7.32 23.80 -22.33
N ASN A 216 -7.21 24.59 -23.39
CA ASN A 216 -6.22 25.65 -23.39
C ASN A 216 -6.71 26.84 -22.56
N TYR A 217 -5.77 27.74 -22.25
CA TYR A 217 -6.05 28.85 -21.34
C TYR A 217 -7.02 29.88 -21.91
N ASP A 218 -7.19 29.92 -23.23
CA ASP A 218 -8.06 30.93 -23.83
C ASP A 218 -9.53 30.56 -23.79
N LYS A 219 -9.87 29.37 -23.26
CA LYS A 219 -11.27 28.98 -23.11
C LYS A 219 -11.72 29.46 -21.74
N VAL A 220 -12.36 30.65 -21.72
CA VAL A 220 -12.69 31.33 -20.47
C VAL A 220 -14.16 31.21 -20.11
N GLY A 221 -14.93 30.43 -20.86
CA GLY A 221 -16.37 30.35 -20.67
C GLY A 221 -17.12 31.04 -21.80
N LEU A 222 -18.42 30.76 -21.85
CA LEU A 222 -19.28 31.22 -22.93
C LEU A 222 -20.52 31.91 -22.37
N GLY A 223 -20.95 32.99 -23.04
CA GLY A 223 -22.19 33.64 -22.66
C GLY A 223 -22.14 34.18 -21.24
N LYS A 224 -23.17 33.85 -20.45
CA LYS A 224 -23.18 34.25 -19.05
C LYS A 224 -21.99 33.71 -18.28
N GLY A 225 -21.37 32.64 -18.77
CA GLY A 225 -20.25 32.03 -18.10
C GLY A 225 -18.89 32.57 -18.45
N ARG A 226 -18.82 33.63 -19.26
CA ARG A 226 -17.52 34.20 -19.60
C ARG A 226 -16.79 34.67 -18.35
N GLY A 227 -15.58 34.15 -18.14
CA GLY A 227 -14.80 34.41 -16.97
C GLY A 227 -14.86 33.32 -15.92
N TYR A 228 -15.82 32.41 -16.02
CA TYR A 228 -16.04 31.41 -14.98
C TYR A 228 -15.53 30.03 -15.37
N ASN A 229 -14.62 29.96 -16.34
CA ASN A 229 -13.89 28.75 -16.68
C ASN A 229 -12.42 29.08 -16.76
N VAL A 230 -11.62 28.48 -15.89
CA VAL A 230 -10.19 28.79 -15.77
C VAL A 230 -9.39 27.53 -16.06
N ASN A 231 -8.72 27.51 -17.20
CA ASN A 231 -7.84 26.41 -17.57
C ASN A 231 -6.39 26.81 -17.35
N ILE A 232 -5.67 26.01 -16.57
CA ILE A 232 -4.24 26.21 -16.33
C ILE A 232 -3.51 25.05 -17.01
N PRO A 233 -3.05 25.22 -18.25
CA PRO A 233 -2.49 24.08 -18.99
C PRO A 233 -0.96 24.04 -18.91
N TRP A 234 -0.40 22.87 -18.59
CA TRP A 234 1.04 22.68 -18.46
C TRP A 234 1.60 22.12 -19.76
N ASN A 235 2.72 22.69 -20.22
CA ASN A 235 3.41 22.24 -21.43
C ASN A 235 4.88 22.03 -21.13
N GLY A 236 5.46 21.02 -21.77
CA GLY A 236 6.90 20.83 -21.82
C GLY A 236 7.61 20.89 -20.49
N GLY A 237 7.29 19.97 -19.58
CA GLY A 237 7.92 19.96 -18.29
C GLY A 237 7.29 18.97 -17.33
N LYS A 238 8.13 18.32 -16.53
CA LYS A 238 7.69 17.40 -15.48
C LYS A 238 7.31 18.25 -14.26
N MET A 239 6.06 18.67 -14.22
CA MET A 239 5.62 19.63 -13.21
C MET A 239 5.46 18.96 -11.85
N GLY A 240 5.61 19.76 -10.81
CA GLY A 240 5.52 19.26 -9.44
C GLY A 240 5.06 20.30 -8.46
N ASP A 241 5.41 20.11 -7.18
CA ASP A 241 5.00 21.04 -6.13
C ASP A 241 5.30 22.51 -6.44
N PRO A 242 6.48 22.90 -6.93
CA PRO A 242 6.72 24.33 -7.14
C PRO A 242 5.73 24.95 -8.11
N GLU A 243 5.44 24.24 -9.21
CA GLU A 243 4.54 24.77 -10.23
C GLU A 243 3.10 24.83 -9.72
N TYR A 244 2.66 23.81 -8.98
CA TYR A 244 1.30 23.83 -8.48
C TYR A 244 1.13 24.87 -7.39
N MET A 245 2.13 25.04 -6.52
CA MET A 245 2.07 26.09 -5.51
C MET A 245 2.02 27.47 -6.16
N ALA A 246 2.79 27.66 -7.23
CA ALA A 246 2.78 28.94 -7.93
C ALA A 246 1.43 29.22 -8.58
N ALA A 247 0.82 28.19 -9.19
CA ALA A 247 -0.49 28.36 -9.80
C ALA A 247 -1.54 28.71 -8.76
N PHE A 248 -1.48 28.09 -7.58
CA PHE A 248 -2.44 28.44 -6.54
C PHE A 248 -2.21 29.86 -6.04
N HIS A 249 -0.95 30.28 -5.89
CA HIS A 249 -0.68 31.61 -5.37
C HIS A 249 -1.11 32.70 -6.34
N HIS A 250 -0.84 32.52 -7.63
CA HIS A 250 -1.10 33.57 -8.60
C HIS A 250 -2.49 33.50 -9.21
N LEU A 251 -3.12 32.33 -9.23
CA LEU A 251 -4.35 32.15 -10.01
C LEU A 251 -5.50 31.59 -9.20
N VAL A 252 -5.34 30.36 -8.69
CA VAL A 252 -6.46 29.65 -8.10
C VAL A 252 -7.01 30.41 -6.90
N MET A 253 -6.13 30.78 -5.97
CA MET A 253 -6.65 31.38 -4.74
C MET A 253 -7.15 32.82 -4.94
N PRO A 254 -6.46 33.69 -5.68
CA PRO A 254 -7.02 35.03 -5.92
C PRO A 254 -8.37 35.00 -6.62
N ILE A 255 -8.53 34.19 -7.67
CA ILE A 255 -9.81 34.07 -8.35
C ILE A 255 -10.86 33.50 -7.39
N ALA A 256 -10.52 32.44 -6.68
CA ALA A 256 -11.48 31.78 -5.80
C ALA A 256 -11.95 32.73 -4.69
N ARG A 257 -11.03 33.50 -4.11
N ARG A 257 -11.04 33.51 -4.11
CA ARG A 257 -11.42 34.44 -3.06
CA ARG A 257 -11.44 34.42 -3.06
C ARG A 257 -12.38 35.50 -3.60
C ARG A 257 -12.33 35.54 -3.58
N GLU A 258 -12.14 35.95 -4.84
CA GLU A 258 -13.00 36.98 -5.42
C GLU A 258 -14.37 36.42 -5.75
N PHE A 259 -14.43 35.16 -6.20
CA PHE A 259 -15.70 34.50 -6.47
C PHE A 259 -16.51 34.28 -5.19
N ALA A 260 -15.82 34.09 -4.06
CA ALA A 260 -16.42 33.88 -2.75
C ALA A 260 -17.37 32.71 -2.79
N PRO A 261 -16.87 31.49 -3.04
CA PRO A 261 -17.78 30.34 -3.14
C PRO A 261 -18.45 30.03 -1.81
N GLU A 262 -19.63 29.43 -1.90
CA GLU A 262 -20.32 28.93 -0.73
C GLU A 262 -20.10 27.44 -0.51
N LEU A 263 -19.50 26.77 -1.49
CA LEU A 263 -19.13 25.37 -1.39
C LEU A 263 -17.96 25.13 -2.34
N VAL A 264 -16.97 24.36 -1.88
CA VAL A 264 -15.82 24.00 -2.70
C VAL A 264 -15.86 22.50 -2.94
N LEU A 265 -15.88 22.11 -4.21
CA LEU A 265 -15.71 20.72 -4.61
C LEU A 265 -14.36 20.56 -5.26
N VAL A 266 -13.60 19.55 -4.83
CA VAL A 266 -12.32 19.24 -5.44
C VAL A 266 -12.49 17.97 -6.26
N SER A 267 -12.32 18.07 -7.57
CA SER A 267 -12.13 16.91 -8.43
C SER A 267 -10.70 16.45 -8.18
N ALA A 268 -10.53 15.60 -7.17
CA ALA A 268 -9.21 15.26 -6.66
C ALA A 268 -8.74 13.94 -7.28
N GLY A 269 -8.29 14.04 -8.53
CA GLY A 269 -7.47 12.99 -9.07
C GLY A 269 -6.06 13.10 -8.53
N PHE A 270 -5.41 11.95 -8.39
CA PHE A 270 -4.04 11.94 -7.89
C PHE A 270 -3.09 11.33 -8.91
N ASP A 271 -3.37 11.55 -10.19
CA ASP A 271 -2.49 11.07 -11.26
C ASP A 271 -1.44 12.09 -11.66
N ALA A 272 -1.44 13.28 -11.06
CA ALA A 272 -0.27 14.15 -11.14
C ALA A 272 0.78 13.79 -10.11
N ALA A 273 0.55 12.74 -9.34
CA ALA A 273 1.43 12.41 -8.23
C ALA A 273 2.71 11.76 -8.73
N ARG A 274 3.79 12.00 -7.98
N ARG A 274 3.79 12.00 -7.98
CA ARG A 274 5.03 11.26 -8.21
CA ARG A 274 5.03 11.27 -8.19
C ARG A 274 4.75 9.77 -8.15
C ARG A 274 4.77 9.77 -8.14
N GLY A 275 5.17 9.06 -9.18
CA GLY A 275 4.98 7.62 -9.27
C GLY A 275 3.80 7.18 -10.12
N ASP A 276 2.96 8.09 -10.57
CA ASP A 276 1.80 7.67 -11.36
C ASP A 276 2.24 7.09 -12.69
N PRO A 277 1.63 6.00 -13.15
CA PRO A 277 2.05 5.37 -14.41
C PRO A 277 1.61 6.13 -15.65
N LEU A 278 0.64 7.04 -15.55
CA LEU A 278 0.12 7.77 -16.70
C LEU A 278 0.45 9.25 -16.70
N GLY A 279 0.45 9.91 -15.55
CA GLY A 279 0.55 11.36 -15.52
C GLY A 279 1.91 11.93 -15.87
N GLY A 280 2.98 11.31 -15.37
CA GLY A 280 4.32 11.80 -15.66
C GLY A 280 4.74 13.05 -14.90
N PHE A 281 4.01 13.42 -13.85
CA PHE A 281 4.33 14.58 -13.02
C PHE A 281 4.85 14.09 -11.66
N GLN A 282 5.17 15.04 -10.77
CA GLN A 282 5.81 14.68 -9.51
C GLN A 282 5.29 15.50 -8.34
N VAL A 283 3.98 15.74 -8.30
CA VAL A 283 3.39 16.35 -7.11
C VAL A 283 3.47 15.36 -5.96
N THR A 284 3.92 15.84 -4.80
CA THR A 284 4.13 14.97 -3.65
C THR A 284 2.90 14.96 -2.75
N PRO A 285 2.81 13.99 -1.83
CA PRO A 285 1.70 14.03 -0.86
C PRO A 285 1.69 15.30 -0.02
N GLU A 286 2.85 15.82 0.37
CA GLU A 286 2.89 17.09 1.08
C GLU A 286 2.37 18.21 0.19
N GLY A 287 2.62 18.14 -1.11
CA GLY A 287 2.08 19.13 -2.03
C GLY A 287 0.56 19.14 -2.03
N TYR A 288 -0.05 17.95 -2.14
CA TYR A 288 -1.50 17.86 -2.11
C TYR A 288 -2.04 18.35 -0.77
N ALA A 289 -1.32 18.09 0.32
CA ALA A 289 -1.72 18.60 1.61
C ALA A 289 -1.78 20.13 1.61
N HIS A 290 -0.75 20.77 1.04
CA HIS A 290 -0.73 22.22 1.01
C HIS A 290 -1.83 22.79 0.12
N LEU A 291 -2.11 22.13 -1.01
CA LEU A 291 -3.22 22.58 -1.85
C LEU A 291 -4.55 22.48 -1.10
N THR A 292 -4.76 21.36 -0.38
CA THR A 292 -5.97 21.20 0.41
C THR A 292 -6.08 22.29 1.48
N HIS A 293 -4.97 22.53 2.20
CA HIS A 293 -4.99 23.51 3.28
C HIS A 293 -5.36 24.89 2.79
N GLN A 294 -4.90 25.25 1.58
CA GLN A 294 -5.26 26.55 1.04
C GLN A 294 -6.74 26.64 0.70
N LEU A 295 -7.31 25.57 0.13
CA LEU A 295 -8.72 25.59 -0.21
C LEU A 295 -9.61 25.64 1.03
N MET A 296 -9.10 25.15 2.16
CA MET A 296 -9.87 25.21 3.40
C MET A 296 -10.12 26.63 3.90
N SER A 297 -9.41 27.62 3.35
CA SER A 297 -9.64 29.01 3.71
C SER A 297 -10.81 29.63 2.95
N LEU A 298 -11.49 28.86 2.10
CA LEU A 298 -12.61 29.31 1.31
C LEU A 298 -13.91 28.74 1.85
N ALA A 299 -15.01 29.42 1.53
CA ALA A 299 -16.37 28.92 1.76
C ALA A 299 -16.61 28.54 3.22
N ALA A 300 -15.96 29.26 4.14
CA ALA A 300 -16.04 28.95 5.57
C ALA A 300 -15.63 27.50 5.85
N GLY A 301 -14.69 26.98 5.06
CA GLY A 301 -14.17 25.65 5.25
C GLY A 301 -14.99 24.53 4.65
N ARG A 302 -16.04 24.85 3.89
N ARG A 302 -16.02 24.84 3.87
CA ARG A 302 -16.92 23.85 3.30
CA ARG A 302 -16.93 23.83 3.34
C ARG A 302 -16.27 23.27 2.06
C ARG A 302 -16.32 23.24 2.06
N VAL A 303 -15.50 22.20 2.25
CA VAL A 303 -14.74 21.59 1.17
C VAL A 303 -15.10 20.10 1.10
N LEU A 304 -15.40 19.62 -0.11
CA LEU A 304 -15.64 18.21 -0.37
C LEU A 304 -14.59 17.72 -1.37
N ILE A 305 -13.78 16.75 -0.96
CA ILE A 305 -12.72 16.19 -1.79
C ILE A 305 -13.24 14.91 -2.42
N ILE A 306 -13.31 14.88 -3.75
CA ILE A 306 -13.89 13.77 -4.49
C ILE A 306 -12.80 13.07 -5.31
N LEU A 307 -12.64 11.77 -5.10
CA LEU A 307 -11.64 11.04 -5.86
C LEU A 307 -11.98 11.00 -7.34
N GLU A 308 -11.02 11.38 -8.18
CA GLU A 308 -11.15 11.19 -9.62
C GLU A 308 -10.18 10.11 -10.07
N GLY A 309 -9.16 10.48 -10.84
CA GLY A 309 -8.15 9.55 -11.31
C GLY A 309 -7.02 9.36 -10.31
N GLY A 310 -5.93 8.77 -10.81
CA GLY A 310 -4.79 8.42 -9.96
C GLY A 310 -4.62 6.92 -9.90
N TYR A 311 -3.46 6.40 -10.32
CA TYR A 311 -3.34 4.99 -10.65
C TYR A 311 -2.16 4.26 -10.02
N ASN A 312 -1.28 4.96 -9.30
CA ASN A 312 -0.30 4.30 -8.45
C ASN A 312 -0.93 4.11 -7.08
N LEU A 313 -1.24 2.85 -6.73
CA LEU A 313 -2.03 2.59 -5.53
C LEU A 313 -1.35 3.16 -4.28
N THR A 314 -0.03 3.05 -4.20
CA THR A 314 0.68 3.62 -3.05
C THR A 314 0.64 5.14 -3.07
N SER A 315 0.86 5.74 -4.25
CA SER A 315 0.86 7.20 -4.36
C SER A 315 -0.50 7.80 -4.01
N ILE A 316 -1.58 7.22 -4.56
CA ILE A 316 -2.89 7.81 -4.31
C ILE A 316 -3.33 7.60 -2.87
N SER A 317 -2.90 6.49 -2.25
CA SER A 317 -3.28 6.24 -0.87
C SER A 317 -2.62 7.24 0.07
N GLU A 318 -1.32 7.49 -0.12
CA GLU A 318 -0.64 8.48 0.72
C GLU A 318 -1.16 9.88 0.43
N SER A 319 -1.38 10.20 -0.85
CA SER A 319 -1.77 11.56 -1.21
C SER A 319 -3.15 11.92 -0.68
N MET A 320 -4.14 11.05 -0.88
CA MET A 320 -5.48 11.38 -0.41
C MET A 320 -5.56 11.37 1.11
N SER A 321 -4.83 10.46 1.76
CA SER A 321 -4.80 10.45 3.22
CA SER A 321 -4.80 10.45 3.22
C SER A 321 -4.26 11.77 3.76
N MET A 322 -3.24 12.33 3.10
CA MET A 322 -2.71 13.62 3.53
C MET A 322 -3.72 14.74 3.36
N CYS A 323 -4.56 14.67 2.32
CA CYS A 323 -5.64 15.64 2.18
C CYS A 323 -6.62 15.54 3.35
N THR A 324 -7.01 14.32 3.71
CA THR A 324 -7.93 14.12 4.83
C THR A 324 -7.32 14.61 6.13
N SER A 325 -6.02 14.39 6.32
CA SER A 325 -5.34 14.92 7.49
C SER A 325 -5.49 16.44 7.57
N MET A 326 -5.39 17.12 6.43
CA MET A 326 -5.58 18.57 6.44
C MET A 326 -7.01 18.94 6.80
N LEU A 327 -7.99 18.23 6.24
CA LEU A 327 -9.39 18.52 6.54
C LEU A 327 -9.67 18.36 8.03
N LEU A 328 -9.01 17.40 8.67
CA LEU A 328 -9.18 17.15 10.10
C LEU A 328 -8.53 18.22 10.98
N GLY A 329 -7.79 19.16 10.38
CA GLY A 329 -7.16 20.23 11.13
C GLY A 329 -5.70 20.02 11.45
N ASP A 330 -5.07 18.98 10.92
CA ASP A 330 -3.65 18.77 11.15
C ASP A 330 -2.83 19.83 10.42
N SER A 331 -1.68 20.17 11.00
CA SER A 331 -0.82 21.17 10.39
C SER A 331 -0.18 20.63 9.12
N PRO A 332 0.04 21.49 8.13
CA PRO A 332 0.62 21.04 6.87
C PRO A 332 2.02 20.48 7.07
N PRO A 333 2.36 19.36 6.42
CA PRO A 333 3.74 18.89 6.44
C PRO A 333 4.61 19.81 5.61
N SER A 334 5.91 19.70 5.83
CA SER A 334 6.86 20.60 5.20
C SER A 334 7.11 20.18 3.76
N LEU A 335 7.00 21.14 2.84
CA LEU A 335 7.41 20.90 1.47
C LEU A 335 8.93 20.79 1.40
N ASP A 336 9.40 20.08 0.37
CA ASP A 336 10.80 20.14 0.00
C ASP A 336 11.13 21.55 -0.49
N HIS A 337 12.43 21.86 -0.51
CA HIS A 337 12.88 23.14 -1.05
C HIS A 337 12.34 23.33 -2.46
N LEU A 338 11.52 24.37 -2.63
CA LEU A 338 10.87 24.61 -3.92
C LEU A 338 11.90 25.13 -4.91
N THR A 339 12.21 24.32 -5.91
CA THR A 339 13.12 24.71 -6.98
C THR A 339 12.50 25.85 -7.79
N PRO A 340 13.30 26.56 -8.59
CA PRO A 340 12.73 27.56 -9.50
C PRO A 340 11.76 26.90 -10.46
N LEU A 341 10.70 27.63 -10.81
CA LEU A 341 9.71 27.10 -11.72
C LEU A 341 10.34 26.71 -13.05
N LYS A 342 9.86 25.61 -13.62
CA LYS A 342 10.16 25.33 -15.02
C LYS A 342 9.72 26.51 -15.85
N THR A 343 10.55 26.91 -16.82
CA THR A 343 10.30 28.15 -17.55
C THR A 343 8.94 28.13 -18.25
N SER A 344 8.54 26.96 -18.77
CA SER A 344 7.25 26.86 -19.43
C SER A 344 6.08 27.01 -18.46
N ALA A 345 6.28 26.71 -17.18
CA ALA A 345 5.21 26.91 -16.20
C ALA A 345 4.98 28.39 -15.97
N THR A 346 6.05 29.19 -15.94
CA THR A 346 5.89 30.64 -15.88
C THR A 346 5.11 31.15 -17.08
N VAL A 347 5.42 30.64 -18.27
CA VAL A 347 4.69 31.03 -19.48
C VAL A 347 3.22 30.69 -19.33
N SER A 348 2.92 29.46 -18.88
CA SER A 348 1.53 29.05 -18.72
C SER A 348 0.78 29.95 -17.74
N ILE A 349 1.36 30.20 -16.57
CA ILE A 349 0.70 31.03 -15.57
C ILE A 349 0.45 32.44 -16.11
N ASN A 350 1.44 33.01 -16.80
CA ASN A 350 1.26 34.35 -17.34
C ASN A 350 0.19 34.38 -18.42
N ASN A 351 0.10 33.32 -19.23
CA ASN A 351 -0.96 33.27 -20.24
C ASN A 351 -2.34 33.26 -19.59
N VAL A 352 -2.49 32.53 -18.49
CA VAL A 352 -3.80 32.49 -17.82
C VAL A 352 -4.10 33.83 -17.17
N LEU A 353 -3.08 34.47 -16.58
CA LEU A 353 -3.29 35.78 -15.97
C LEU A 353 -3.80 36.79 -16.98
N ARG A 354 -3.21 36.81 -18.17
CA ARG A 354 -3.66 37.76 -19.19
C ARG A 354 -5.07 37.42 -19.67
N ALA A 355 -5.39 36.14 -19.77
CA ALA A 355 -6.72 35.74 -20.22
C ALA A 355 -7.81 36.12 -19.21
N HIS A 356 -7.49 36.11 -17.91
CA HIS A 356 -8.53 36.25 -16.90
C HIS A 356 -8.47 37.54 -16.10
N ALA A 357 -7.42 38.34 -16.24
CA ALA A 357 -7.40 39.67 -15.64
C ALA A 357 -8.61 40.52 -16.05
N PRO A 358 -9.13 40.41 -17.27
CA PRO A 358 -10.35 41.17 -17.60
C PRO A 358 -11.53 40.87 -16.70
N PHE A 359 -11.63 39.64 -16.19
CA PHE A 359 -12.81 39.21 -15.44
C PHE A 359 -12.61 39.21 -13.93
N TRP A 360 -11.36 39.21 -13.47
CA TRP A 360 -11.05 39.07 -12.05
C TRP A 360 -10.06 40.18 -11.67
N SER A 361 -10.54 41.19 -10.94
CA SER A 361 -9.70 42.32 -10.61
C SER A 361 -8.55 41.94 -9.67
N SER A 362 -8.65 40.80 -8.98
CA SER A 362 -7.58 40.36 -8.09
C SER A 362 -6.32 39.96 -8.84
N LEU A 363 -6.40 39.73 -10.14
CA LEU A 363 -5.27 39.29 -10.94
C LEU A 363 -4.51 40.45 -11.56
N ARG A 364 -4.97 41.68 -11.36
CA ARG A 364 -4.39 42.83 -12.05
C ARG A 364 -3.22 43.43 -11.29
N SER B 7 25.29 -12.90 -15.53
CA SER B 7 25.02 -12.08 -14.35
C SER B 7 24.02 -12.78 -13.42
N PRO B 8 24.05 -12.44 -12.14
CA PRO B 8 23.24 -13.17 -11.16
C PRO B 8 21.75 -12.92 -11.33
N ILE B 9 20.96 -13.95 -11.02
CA ILE B 9 19.51 -13.93 -11.13
C ILE B 9 18.93 -14.01 -9.72
N THR B 10 17.85 -13.26 -9.49
CA THR B 10 17.11 -13.31 -8.23
C THR B 10 15.76 -13.98 -8.47
N GLY B 11 15.45 -15.00 -7.68
CA GLY B 11 14.17 -15.66 -7.77
C GLY B 11 13.12 -15.03 -6.87
N LEU B 12 11.86 -15.19 -7.26
CA LEU B 12 10.74 -14.75 -6.45
C LEU B 12 9.64 -15.79 -6.53
N VAL B 13 9.10 -16.18 -5.38
CA VAL B 13 7.96 -17.09 -5.34
C VAL B 13 6.81 -16.40 -4.62
N TYR B 14 5.62 -16.54 -5.19
CA TYR B 14 4.40 -15.97 -4.65
C TYR B 14 3.23 -16.73 -5.25
N ASP B 15 2.21 -16.97 -4.44
CA ASP B 15 0.98 -17.57 -4.95
C ASP B 15 -0.18 -17.00 -4.17
N GLN B 16 -1.12 -16.36 -4.89
CA GLN B 16 -2.24 -15.70 -4.22
C GLN B 16 -3.15 -16.68 -3.48
N ARG B 17 -3.00 -17.99 -3.72
N ARG B 17 -3.01 -17.98 -3.70
CA ARG B 17 -3.76 -19.00 -3.00
CA ARG B 17 -3.86 -18.90 -2.96
C ARG B 17 -3.48 -18.96 -1.51
C ARG B 17 -3.45 -19.06 -1.50
N MET B 18 -2.27 -18.53 -1.11
CA MET B 18 -1.94 -18.46 0.30
C MET B 18 -2.75 -17.38 1.02
N MET B 19 -3.54 -16.58 0.30
CA MET B 19 -4.47 -15.64 0.93
C MET B 19 -5.72 -16.32 1.48
N LEU B 20 -5.95 -17.59 1.15
CA LEU B 20 -7.22 -18.23 1.52
C LEU B 20 -7.30 -18.53 3.01
N HIS B 21 -6.16 -18.74 3.66
CA HIS B 21 -6.12 -18.89 5.11
C HIS B 21 -6.64 -17.62 5.78
N HIS B 22 -7.68 -17.75 6.61
CA HIS B 22 -8.31 -16.57 7.18
C HIS B 22 -8.90 -16.88 8.55
N ASN B 23 -9.22 -15.80 9.28
CA ASN B 23 -9.77 -15.87 10.63
C ASN B 23 -11.28 -15.72 10.54
N MET B 24 -12.02 -16.79 10.85
CA MET B 24 -13.46 -16.80 10.66
C MET B 24 -14.18 -15.87 11.64
N TRP B 25 -13.61 -15.65 12.81
CA TRP B 25 -14.25 -14.85 13.84
C TRP B 25 -13.84 -13.38 13.81
N ASP B 26 -12.65 -13.09 13.30
CA ASP B 26 -12.09 -11.73 13.33
C ASP B 26 -11.44 -11.49 11.97
N SER B 27 -12.23 -11.00 11.01
CA SER B 27 -11.72 -10.71 9.68
C SER B 27 -10.68 -9.61 9.66
N HIS B 28 -10.53 -8.86 10.76
CA HIS B 28 -9.53 -7.80 10.87
C HIS B 28 -8.32 -8.23 11.68
N HIS B 29 -8.18 -9.51 11.98
CA HIS B 29 -7.00 -10.00 12.67
C HIS B 29 -5.75 -9.59 11.87
N PRO B 30 -4.67 -9.18 12.55
CA PRO B 30 -3.53 -8.58 11.82
C PRO B 30 -2.79 -9.53 10.88
N GLU B 31 -2.87 -10.85 11.08
CA GLU B 31 -2.22 -11.78 10.14
C GLU B 31 -3.16 -11.94 8.94
N LEU B 32 -3.20 -10.89 8.13
CA LEU B 32 -4.19 -10.68 7.06
C LEU B 32 -3.80 -11.40 5.78
N PRO B 33 -4.77 -11.94 5.05
CA PRO B 33 -4.49 -12.43 3.69
C PRO B 33 -3.76 -11.42 2.82
N GLN B 34 -4.12 -10.14 2.90
CA GLN B 34 -3.53 -9.14 2.02
C GLN B 34 -2.10 -8.79 2.37
N ARG B 35 -1.53 -9.36 3.45
CA ARG B 35 -0.11 -9.16 3.71
C ARG B 35 0.73 -9.54 2.50
N ILE B 36 0.47 -10.72 1.91
CA ILE B 36 1.32 -11.16 0.82
C ILE B 36 0.95 -10.48 -0.49
N SER B 37 -0.33 -10.22 -0.73
CA SER B 37 -0.68 -9.54 -1.99
C SER B 37 -0.18 -8.11 -2.00
N ARG B 38 -0.10 -7.46 -0.84
CA ARG B 38 0.42 -6.10 -0.79
C ARG B 38 1.92 -6.06 -1.05
N ILE B 39 2.66 -7.02 -0.50
CA ILE B 39 4.10 -7.08 -0.78
C ILE B 39 4.32 -7.34 -2.26
N PHE B 40 3.59 -8.30 -2.83
CA PHE B 40 3.68 -8.59 -4.26
C PHE B 40 3.35 -7.36 -5.10
N SER B 41 2.26 -6.66 -4.74
CA SER B 41 1.86 -5.47 -5.48
C SER B 41 2.94 -4.41 -5.45
N ARG B 42 3.61 -4.22 -4.31
CA ARG B 42 4.67 -3.22 -4.23
C ARG B 42 5.87 -3.60 -5.09
N HIS B 43 6.16 -4.91 -5.21
CA HIS B 43 7.21 -5.34 -6.13
C HIS B 43 6.88 -4.98 -7.56
N GLU B 44 5.60 -5.08 -7.94
N GLU B 44 5.60 -5.12 -7.94
CA GLU B 44 5.20 -4.71 -9.30
CA GLU B 44 5.17 -4.71 -9.28
C GLU B 44 5.26 -3.20 -9.49
C GLU B 44 5.32 -3.21 -9.46
N GLU B 45 4.81 -2.44 -8.49
CA GLU B 45 4.83 -0.97 -8.58
C GLU B 45 6.24 -0.43 -8.78
N LEU B 46 7.21 -1.00 -8.05
CA LEU B 46 8.59 -0.57 -8.15
C LEU B 46 9.33 -1.21 -9.33
N ARG B 47 8.63 -2.01 -10.12
CA ARG B 47 9.19 -2.69 -11.28
C ARG B 47 10.32 -3.62 -10.88
N LEU B 48 10.22 -4.18 -9.67
CA LEU B 48 11.16 -5.20 -9.22
C LEU B 48 10.75 -6.59 -9.69
N LEU B 49 9.45 -6.81 -9.87
CA LEU B 49 8.96 -8.14 -10.20
C LEU B 49 9.49 -8.61 -11.55
N SER B 50 9.48 -7.72 -12.54
CA SER B 50 9.96 -8.10 -13.87
C SER B 50 11.46 -8.37 -13.90
N ARG B 51 12.20 -7.91 -12.89
CA ARG B 51 13.63 -8.15 -12.80
C ARG B 51 13.97 -9.48 -12.14
N CYS B 52 12.98 -10.15 -11.55
CA CYS B 52 13.18 -11.44 -10.89
C CYS B 52 12.73 -12.57 -11.79
N HIS B 53 13.31 -13.75 -11.56
CA HIS B 53 12.82 -14.97 -12.18
C HIS B 53 11.74 -15.58 -11.28
N ARG B 54 10.57 -15.81 -11.85
CA ARG B 54 9.45 -16.32 -11.08
C ARG B 54 9.63 -17.82 -10.86
N ILE B 55 9.75 -18.21 -9.59
CA ILE B 55 9.88 -19.61 -9.21
C ILE B 55 8.47 -20.15 -8.97
N PRO B 56 8.12 -21.32 -9.49
CA PRO B 56 6.75 -21.81 -9.30
C PRO B 56 6.52 -22.29 -7.88
N ALA B 57 5.33 -22.00 -7.36
CA ALA B 57 4.94 -22.52 -6.06
C ALA B 57 4.45 -23.95 -6.19
N ARG B 58 4.51 -24.67 -5.07
CA ARG B 58 3.99 -26.03 -5.03
C ARG B 58 3.64 -26.36 -3.58
N LEU B 59 2.87 -27.44 -3.41
CA LEU B 59 2.55 -27.94 -2.09
C LEU B 59 3.68 -28.81 -1.56
N ALA B 60 4.06 -28.60 -0.31
CA ALA B 60 4.94 -29.56 0.36
C ALA B 60 4.21 -30.89 0.53
N THR B 61 4.98 -31.96 0.61
CA THR B 61 4.40 -33.28 0.87
C THR B 61 4.45 -33.58 2.37
N GLU B 62 3.63 -34.54 2.79
CA GLU B 62 3.64 -34.96 4.19
C GLU B 62 4.99 -35.52 4.59
N GLU B 63 5.66 -36.20 3.65
CA GLU B 63 6.99 -36.74 3.92
C GLU B 63 7.98 -35.62 4.19
N GLU B 64 7.84 -34.50 3.45
CA GLU B 64 8.71 -33.35 3.68
C GLU B 64 8.40 -32.69 5.02
N LEU B 65 7.13 -32.63 5.41
CA LEU B 65 6.79 -32.08 6.72
C LEU B 65 7.43 -32.88 7.85
N ALA B 66 7.56 -34.20 7.67
CA ALA B 66 8.15 -35.06 8.68
C ALA B 66 9.64 -34.81 8.87
N LEU B 67 10.26 -33.99 8.01
CA LEU B 67 11.64 -33.57 8.27
C LEU B 67 11.78 -32.88 9.60
N CYS B 68 10.75 -32.15 10.04
CA CYS B 68 10.79 -31.45 11.32
C CYS B 68 9.61 -31.74 12.24
N HIS B 69 8.49 -32.25 11.74
CA HIS B 69 7.27 -32.32 12.53
C HIS B 69 6.84 -33.76 12.79
N SER B 70 6.19 -33.96 13.94
CA SER B 70 5.73 -35.27 14.33
C SER B 70 4.54 -35.71 13.49
N SER B 71 4.33 -37.02 13.42
N SER B 71 4.33 -37.02 13.42
CA SER B 71 3.19 -37.55 12.67
CA SER B 71 3.19 -37.56 12.68
C SER B 71 1.87 -37.06 13.27
C SER B 71 1.87 -37.07 13.27
N LYS B 72 1.80 -36.99 14.60
CA LYS B 72 0.57 -36.54 15.25
C LYS B 72 0.24 -35.10 14.87
N HIS B 73 1.24 -34.22 14.90
CA HIS B 73 1.00 -32.82 14.56
C HIS B 73 0.58 -32.67 13.11
N ILE B 74 1.27 -33.36 12.20
CA ILE B 74 0.91 -33.31 10.79
C ILE B 74 -0.53 -33.78 10.59
N SER B 75 -0.89 -34.88 11.24
CA SER B 75 -2.23 -35.45 11.03
CA SER B 75 -2.23 -35.45 11.04
C SER B 75 -3.32 -34.51 11.54
N ILE B 76 -3.11 -33.87 12.70
CA ILE B 76 -4.14 -33.00 13.25
C ILE B 76 -4.37 -31.79 12.35
N ILE B 77 -3.29 -31.12 11.93
CA ILE B 77 -3.46 -29.97 11.05
C ILE B 77 -4.02 -30.41 9.70
N LYS B 78 -3.57 -31.55 9.18
CA LYS B 78 -4.12 -32.07 7.93
C LYS B 78 -5.64 -32.25 8.03
N SER B 79 -6.12 -32.72 9.19
CA SER B 79 -7.54 -32.99 9.34
C SER B 79 -8.39 -31.74 9.36
N SER B 80 -7.80 -30.56 9.63
CA SER B 80 -8.59 -29.34 9.70
C SER B 80 -9.17 -28.95 8.35
N GLU B 81 -8.64 -29.48 7.24
CA GLU B 81 -9.18 -29.14 5.94
C GLU B 81 -10.65 -29.54 5.81
N HIS B 82 -11.07 -30.60 6.51
CA HIS B 82 -12.43 -31.10 6.40
C HIS B 82 -13.24 -30.87 7.66
N MET B 83 -12.78 -30.00 8.56
CA MET B 83 -13.44 -29.78 9.84
C MET B 83 -14.61 -28.81 9.70
N LYS B 84 -15.60 -29.00 10.58
CA LYS B 84 -16.68 -28.04 10.72
C LYS B 84 -16.18 -26.80 11.48
N PRO B 85 -16.89 -25.68 11.36
CA PRO B 85 -16.43 -24.46 12.05
C PRO B 85 -16.23 -24.63 13.56
N ARG B 86 -17.12 -25.34 14.26
CA ARG B 86 -16.89 -25.54 15.69
C ARG B 86 -15.63 -26.35 15.95
N ASP B 87 -15.37 -27.36 15.10
CA ASP B 87 -14.11 -28.09 15.20
C ASP B 87 -12.91 -27.18 15.03
N LEU B 88 -12.98 -26.26 14.05
CA LEU B 88 -11.87 -25.36 13.78
C LEU B 88 -11.66 -24.38 14.93
N ASN B 89 -12.74 -23.83 15.48
CA ASN B 89 -12.63 -22.92 16.61
C ASN B 89 -11.98 -23.61 17.81
N ARG B 90 -12.48 -24.79 18.16
CA ARG B 90 -11.95 -25.50 19.33
C ARG B 90 -10.50 -25.89 19.13
N LEU B 91 -10.14 -26.38 17.95
CA LEU B 91 -8.76 -26.80 17.70
C LEU B 91 -7.81 -25.61 17.78
N GLY B 92 -8.15 -24.51 17.11
CA GLY B 92 -7.32 -23.32 17.19
C GLY B 92 -7.11 -22.84 18.61
N ASP B 93 -8.16 -22.94 19.44
CA ASP B 93 -8.05 -22.48 20.82
C ASP B 93 -7.23 -23.40 21.71
N GLU B 94 -6.88 -24.60 21.23
CA GLU B 94 -5.95 -25.45 21.96
C GLU B 94 -4.52 -24.93 21.89
N TYR B 95 -4.20 -24.09 20.92
CA TYR B 95 -2.86 -23.57 20.73
C TYR B 95 -2.75 -22.15 21.29
N ASN B 96 -1.51 -21.71 21.44
CA ASN B 96 -1.21 -20.33 21.78
C ASN B 96 -1.29 -19.48 20.52
N SER B 97 -2.33 -18.66 20.40
CA SER B 97 -2.45 -17.65 19.35
C SER B 97 -2.48 -18.28 17.95
N ILE B 98 -3.52 -19.08 17.71
CA ILE B 98 -3.74 -19.73 16.42
C ILE B 98 -5.20 -19.58 16.03
N PHE B 99 -5.44 -19.23 14.75
CA PHE B 99 -6.75 -19.37 14.13
C PHE B 99 -6.62 -20.28 12.92
N ILE B 100 -7.67 -21.07 12.66
CA ILE B 100 -7.64 -22.07 11.60
C ILE B 100 -8.91 -21.96 10.77
N SER B 101 -8.77 -22.09 9.45
CA SER B 101 -9.88 -22.24 8.53
C SER B 101 -9.69 -23.51 7.72
N ASN B 102 -10.70 -23.85 6.90
CA ASN B 102 -10.59 -25.04 6.06
C ASN B 102 -9.48 -24.94 5.02
N GLU B 103 -8.94 -23.75 4.78
CA GLU B 103 -7.87 -23.54 3.81
C GLU B 103 -6.49 -23.47 4.44
N SER B 104 -6.40 -23.50 5.78
CA SER B 104 -5.15 -23.23 6.47
C SER B 104 -4.08 -24.28 6.15
N TYR B 105 -4.45 -25.56 6.20
CA TYR B 105 -3.46 -26.61 5.98
C TYR B 105 -2.85 -26.51 4.59
N THR B 106 -3.68 -26.34 3.56
CA THR B 106 -3.17 -26.22 2.21
C THR B 106 -2.29 -24.97 2.06
N CYS B 107 -2.65 -23.87 2.73
CA CYS B 107 -1.83 -22.67 2.64
C CYS B 107 -0.46 -22.88 3.28
N ALA B 108 -0.42 -23.59 4.41
CA ALA B 108 0.85 -23.89 5.05
C ALA B 108 1.71 -24.80 4.19
N LEU B 109 1.08 -25.77 3.51
CA LEU B 109 1.82 -26.61 2.55
C LEU B 109 2.39 -25.77 1.43
N LEU B 110 1.62 -24.80 0.94
CA LEU B 110 2.06 -23.98 -0.18
C LEU B 110 3.19 -23.06 0.24
N ALA B 111 3.17 -22.56 1.47
CA ALA B 111 4.27 -21.73 1.95
C ALA B 111 5.57 -22.54 2.01
N ALA B 112 5.49 -23.76 2.55
CA ALA B 112 6.70 -24.58 2.68
C ALA B 112 7.20 -25.03 1.33
N GLY B 113 6.30 -25.56 0.48
CA GLY B 113 6.72 -26.02 -0.84
C GLY B 113 7.28 -24.91 -1.71
N SER B 114 6.75 -23.69 -1.57
CA SER B 114 7.30 -22.55 -2.28
C SER B 114 8.74 -22.30 -1.86
N CYS B 115 9.04 -22.47 -0.57
CA CYS B 115 10.40 -22.25 -0.11
C CYS B 115 11.32 -23.38 -0.51
N PHE B 116 10.82 -24.62 -0.58
CA PHE B 116 11.63 -25.73 -1.07
C PHE B 116 12.06 -25.48 -2.51
N ASN B 117 11.12 -25.10 -3.36
CA ASN B 117 11.45 -24.80 -4.76
C ASN B 117 12.47 -23.67 -4.85
N SER B 118 12.36 -22.68 -3.98
CA SER B 118 13.31 -21.57 -4.00
C SER B 118 14.70 -22.02 -3.57
N ALA B 119 14.77 -22.80 -2.49
CA ALA B 119 16.07 -23.34 -2.07
C ALA B 119 16.66 -24.24 -3.13
N GLN B 120 15.82 -25.04 -3.79
CA GLN B 120 16.29 -25.89 -4.88
C GLN B 120 16.87 -25.06 -6.03
N ALA B 121 16.20 -23.95 -6.36
CA ALA B 121 16.69 -23.10 -7.45
C ALA B 121 18.03 -22.48 -7.09
N ILE B 122 18.22 -22.10 -5.82
CA ILE B 122 19.48 -21.55 -5.39
C ILE B 122 20.58 -22.61 -5.43
N LEU B 123 20.31 -23.78 -4.85
CA LEU B 123 21.35 -24.78 -4.67
C LEU B 123 21.73 -25.48 -5.97
N THR B 124 20.87 -25.46 -6.98
CA THR B 124 21.21 -25.99 -8.29
C THR B 124 21.78 -24.93 -9.23
N GLY B 125 21.96 -23.70 -8.76
CA GLY B 125 22.57 -22.67 -9.57
C GLY B 125 21.65 -22.00 -10.57
N GLN B 126 20.34 -22.19 -10.45
CA GLN B 126 19.41 -21.55 -11.37
C GLN B 126 19.24 -20.07 -11.05
N VAL B 127 19.25 -19.73 -9.76
CA VAL B 127 19.25 -18.34 -9.30
C VAL B 127 20.35 -18.20 -8.26
N ARG B 128 20.81 -16.96 -8.07
CA ARG B 128 21.82 -16.72 -7.05
C ARG B 128 21.17 -16.60 -5.66
N ASN B 129 20.00 -15.99 -5.60
CA ASN B 129 19.30 -15.73 -4.34
C ASN B 129 17.81 -15.64 -4.64
N ALA B 130 17.00 -15.48 -3.60
CA ALA B 130 15.56 -15.55 -3.82
C ALA B 130 14.81 -14.95 -2.65
N VAL B 131 13.56 -14.56 -2.92
N VAL B 131 13.57 -14.53 -2.93
CA VAL B 131 12.65 -14.03 -1.92
CA VAL B 131 12.63 -14.02 -1.94
C VAL B 131 11.35 -14.82 -1.99
C VAL B 131 11.37 -14.88 -2.00
N ALA B 132 10.78 -15.15 -0.83
CA ALA B 132 9.57 -15.97 -0.74
C ALA B 132 8.49 -15.18 -0.02
N ILE B 133 7.45 -14.79 -0.75
CA ILE B 133 6.34 -14.00 -0.23
C ILE B 133 5.25 -14.99 0.14
N VAL B 134 5.28 -15.48 1.39
CA VAL B 134 4.47 -16.62 1.81
C VAL B 134 3.77 -16.32 3.12
N ARG B 135 2.62 -16.97 3.31
CA ARG B 135 1.91 -17.01 4.58
C ARG B 135 1.10 -18.30 4.62
N PRO B 136 0.73 -18.79 5.81
CA PRO B 136 1.04 -18.30 7.15
C PRO B 136 2.52 -18.41 7.49
N PRO B 137 2.99 -17.66 8.51
CA PRO B 137 4.40 -17.74 8.89
C PRO B 137 4.76 -19.07 9.55
N GLY B 138 6.01 -19.23 9.97
CA GLY B 138 6.44 -20.53 10.45
C GLY B 138 7.30 -20.61 11.70
N HIS B 139 7.99 -19.53 12.09
CA HIS B 139 9.09 -19.71 13.04
C HIS B 139 8.65 -20.01 14.47
N HIS B 140 7.37 -19.84 14.81
CA HIS B 140 6.90 -20.25 16.12
C HIS B 140 6.46 -21.71 16.17
N ALA B 141 6.33 -22.37 15.02
CA ALA B 141 5.85 -23.74 15.00
C ALA B 141 6.90 -24.69 15.55
N GLU B 142 6.47 -25.58 16.44
CA GLU B 142 7.34 -26.57 17.06
C GLU B 142 7.19 -27.91 16.35
N LYS B 143 8.07 -28.85 16.70
CA LYS B 143 7.98 -30.20 16.17
C LYS B 143 6.57 -30.76 16.31
N ASP B 144 5.95 -30.54 17.46
CA ASP B 144 4.69 -31.20 17.82
C ASP B 144 3.53 -30.26 18.05
N THR B 145 3.65 -28.97 17.71
CA THR B 145 2.53 -28.07 18.00
C THR B 145 2.60 -26.82 17.13
N ALA B 146 1.43 -26.24 16.89
CA ALA B 146 1.30 -24.95 16.25
C ALA B 146 1.34 -23.85 17.29
N CYS B 147 1.73 -22.66 16.85
CA CYS B 147 1.91 -21.56 17.80
C CYS B 147 2.09 -20.25 17.04
N GLY B 148 1.52 -19.18 17.58
CA GLY B 148 1.80 -17.83 17.12
C GLY B 148 1.61 -17.61 15.63
N PHE B 149 0.44 -18.00 15.11
CA PHE B 149 0.03 -17.86 13.72
C PHE B 149 0.75 -18.85 12.80
N CYS B 150 1.56 -19.77 13.34
CA CYS B 150 2.40 -20.67 12.56
C CYS B 150 1.93 -22.11 12.74
N PHE B 151 1.85 -22.85 11.63
CA PHE B 151 1.46 -24.26 11.66
C PHE B 151 2.64 -25.20 11.49
N PHE B 152 3.45 -24.99 10.45
CA PHE B 152 4.67 -25.74 10.23
C PHE B 152 5.83 -24.77 10.10
N ASN B 153 7.01 -25.20 10.53
CA ASN B 153 8.15 -24.27 10.60
C ASN B 153 8.81 -24.24 9.23
N THR B 154 8.34 -23.30 8.40
CA THR B 154 8.77 -23.20 7.02
C THR B 154 10.29 -23.09 6.90
N ALA B 155 10.90 -22.19 7.69
CA ALA B 155 12.34 -21.98 7.58
C ALA B 155 13.12 -23.22 8.03
N ALA B 156 12.71 -23.82 9.15
CA ALA B 156 13.37 -25.05 9.60
C ALA B 156 13.23 -26.16 8.57
N LEU B 157 12.04 -26.29 7.98
CA LEU B 157 11.80 -27.32 6.97
C LEU B 157 12.66 -27.08 5.73
N THR B 158 12.85 -25.81 5.36
CA THR B 158 13.66 -25.51 4.18
C THR B 158 15.12 -25.86 4.43
N ALA B 159 15.61 -25.64 5.66
CA ALA B 159 16.98 -26.00 6.00
C ALA B 159 17.18 -27.52 5.89
N ARG B 160 16.22 -28.30 6.40
CA ARG B 160 16.32 -29.76 6.29
C ARG B 160 16.11 -30.22 4.85
N TYR B 161 15.21 -29.56 4.12
CA TYR B 161 15.04 -29.90 2.71
C TYR B 161 16.32 -29.63 1.94
N ALA B 162 16.97 -28.50 2.21
CA ALA B 162 18.24 -28.19 1.57
C ALA B 162 19.27 -29.28 1.83
N GLN B 163 19.35 -29.76 3.07
CA GLN B 163 20.28 -30.83 3.38
C GLN B 163 19.89 -32.12 2.67
N SER B 164 18.60 -32.35 2.47
CA SER B 164 18.16 -33.60 1.85
C SER B 164 18.51 -33.68 0.36
N ILE B 165 18.70 -32.54 -0.31
CA ILE B 165 19.05 -32.55 -1.73
C ILE B 165 20.51 -32.19 -1.97
N THR B 166 21.30 -31.99 -0.91
CA THR B 166 22.73 -31.76 -1.06
C THR B 166 23.44 -32.82 -0.23
N ARG B 167 23.85 -32.51 0.99
CA ARG B 167 24.34 -33.51 1.92
C ARG B 167 23.82 -33.17 3.31
N GLU B 168 23.77 -34.19 4.17
CA GLU B 168 23.18 -34.04 5.50
C GLU B 168 23.85 -32.93 6.30
N SER B 169 25.16 -32.75 6.12
CA SER B 169 25.93 -31.80 6.92
C SER B 169 26.04 -30.41 6.30
N LEU B 170 25.25 -30.11 5.28
CA LEU B 170 25.27 -28.78 4.67
C LEU B 170 25.06 -27.71 5.73
N ARG B 171 25.97 -26.74 5.78
CA ARG B 171 25.94 -25.71 6.80
C ARG B 171 24.92 -24.65 6.40
N VAL B 172 23.84 -24.55 7.16
CA VAL B 172 22.76 -23.60 6.91
C VAL B 172 22.73 -22.60 8.06
N LEU B 173 22.78 -21.33 7.71
CA LEU B 173 22.58 -20.26 8.68
C LEU B 173 21.14 -19.76 8.55
N ILE B 174 20.43 -19.70 9.68
CA ILE B 174 19.12 -19.07 9.75
C ILE B 174 19.27 -17.80 10.57
N VAL B 175 19.03 -16.66 9.94
CA VAL B 175 18.99 -15.37 10.63
C VAL B 175 17.54 -14.96 10.73
N ASP B 176 17.07 -14.76 11.96
CA ASP B 176 15.66 -14.51 12.26
C ASP B 176 15.56 -13.08 12.79
N TRP B 177 15.18 -12.13 11.93
CA TRP B 177 15.06 -10.73 12.36
C TRP B 177 13.61 -10.30 12.55
N ASP B 178 12.67 -11.25 12.54
CA ASP B 178 11.34 -11.00 13.08
C ASP B 178 11.48 -10.47 14.51
N VAL B 179 10.57 -9.58 14.91
CA VAL B 179 10.72 -8.97 16.23
C VAL B 179 10.50 -9.98 17.34
N HIS B 180 9.89 -11.13 17.04
CA HIS B 180 9.65 -12.16 18.03
C HIS B 180 10.68 -13.27 17.92
N HIS B 181 10.95 -13.91 19.06
CA HIS B 181 11.86 -15.05 19.08
C HIS B 181 11.25 -16.23 18.34
N GLY B 182 12.04 -16.85 17.46
CA GLY B 182 11.59 -18.04 16.76
C GLY B 182 11.77 -19.28 17.62
N ASN B 183 10.91 -19.43 18.63
CA ASN B 183 11.03 -20.52 19.59
C ASN B 183 11.06 -21.88 18.88
N GLY B 184 10.20 -22.06 17.87
CA GLY B 184 10.18 -23.32 17.15
C GLY B 184 11.50 -23.62 16.46
N THR B 185 12.07 -22.61 15.78
CA THR B 185 13.33 -22.85 15.09
C THR B 185 14.45 -23.15 16.06
N GLN B 186 14.53 -22.41 17.17
CA GLN B 186 15.55 -22.70 18.17
C GLN B 186 15.44 -24.14 18.67
N HIS B 187 14.23 -24.57 19.02
CA HIS B 187 14.06 -25.89 19.60
C HIS B 187 14.35 -26.98 18.58
N ILE B 188 13.97 -26.78 17.32
CA ILE B 188 14.16 -27.81 16.31
C ILE B 188 15.65 -28.08 16.09
N PHE B 189 16.48 -27.04 16.16
CA PHE B 189 17.90 -27.17 15.88
C PHE B 189 18.78 -27.04 17.11
N GLU B 190 18.21 -27.12 18.32
CA GLU B 190 18.98 -26.79 19.51
C GLU B 190 20.15 -27.73 19.73
N GLU B 191 20.04 -28.99 19.28
CA GLU B 191 21.12 -29.96 19.43
C GLU B 191 21.87 -30.19 18.11
N ASP B 192 21.81 -29.24 17.19
CA ASP B 192 22.33 -29.40 15.84
C ASP B 192 23.45 -28.40 15.60
N ASP B 193 24.60 -28.87 15.12
CA ASP B 193 25.71 -28.01 14.77
C ASP B 193 25.80 -27.74 13.27
N SER B 194 24.89 -28.31 12.47
CA SER B 194 24.85 -28.06 11.04
C SER B 194 23.95 -26.89 10.67
N VAL B 195 23.08 -26.45 11.58
CA VAL B 195 22.19 -25.32 11.35
C VAL B 195 22.44 -24.32 12.47
N LEU B 196 23.04 -23.18 12.13
CA LEU B 196 23.28 -22.11 13.09
C LEU B 196 22.07 -21.19 13.10
N TYR B 197 21.48 -21.01 14.29
CA TYR B 197 20.30 -20.15 14.45
C TYR B 197 20.71 -18.88 15.18
N ILE B 198 20.50 -17.74 14.53
CA ILE B 198 20.73 -16.43 15.13
C ILE B 198 19.42 -15.67 15.11
N SER B 199 18.93 -15.28 16.27
CA SER B 199 17.68 -14.54 16.39
C SER B 199 17.94 -13.22 17.13
N LEU B 200 17.46 -12.10 16.57
CA LEU B 200 17.29 -10.82 17.26
C LEU B 200 15.81 -10.66 17.58
N HIS B 201 15.49 -10.27 18.82
CA HIS B 201 14.09 -10.21 19.18
C HIS B 201 13.87 -9.30 20.39
N ARG B 202 12.69 -8.68 20.42
CA ARG B 202 12.25 -8.00 21.62
C ARG B 202 11.97 -9.03 22.70
N TYR B 203 12.56 -8.84 23.89
CA TYR B 203 12.50 -9.83 24.96
C TYR B 203 11.81 -9.30 26.20
N GLU B 204 12.19 -8.10 26.67
CA GLU B 204 11.62 -7.48 27.86
C GLU B 204 11.62 -8.43 29.05
N ASP B 205 12.76 -9.09 29.26
CA ASP B 205 12.95 -10.01 30.40
C ASP B 205 11.89 -11.10 30.42
N GLY B 206 11.45 -11.55 29.25
CA GLY B 206 10.43 -12.56 29.15
C GLY B 206 9.01 -12.04 28.99
N ALA B 207 8.81 -10.73 29.07
CA ALA B 207 7.48 -10.14 28.99
C ALA B 207 7.17 -9.65 27.58
N PHE B 208 7.45 -10.50 26.60
CA PHE B 208 7.05 -10.24 25.22
C PHE B 208 6.87 -11.58 24.54
N PHE B 209 5.85 -11.68 23.68
CA PHE B 209 5.55 -12.95 23.03
C PHE B 209 6.80 -13.50 22.37
N PRO B 210 7.07 -14.82 22.48
CA PRO B 210 6.24 -15.87 23.06
C PRO B 210 6.42 -16.13 24.57
N ASN B 211 6.99 -15.17 25.30
CA ASN B 211 6.90 -15.12 26.76
C ASN B 211 7.68 -16.24 27.45
N SER B 212 8.85 -16.59 26.92
CA SER B 212 9.67 -17.65 27.50
C SER B 212 11.10 -17.18 27.67
N GLU B 213 11.73 -17.58 28.78
CA GLU B 213 13.15 -17.26 28.96
C GLU B 213 14.04 -18.10 28.06
N ASP B 214 13.48 -19.01 27.25
CA ASP B 214 14.25 -19.67 26.21
C ASP B 214 14.88 -18.68 25.25
N ALA B 215 14.33 -17.47 25.14
CA ALA B 215 14.81 -16.46 24.22
C ALA B 215 16.00 -15.66 24.75
N ASN B 216 16.48 -15.96 25.96
CA ASN B 216 17.52 -15.13 26.54
C ASN B 216 18.89 -15.51 25.97
N TYR B 217 19.86 -14.62 26.19
CA TYR B 217 21.17 -14.77 25.56
C TYR B 217 21.95 -15.98 26.07
N ASP B 218 21.61 -16.50 27.24
CA ASP B 218 22.38 -17.61 27.79
C ASP B 218 21.99 -18.96 27.20
N LYS B 219 20.98 -19.01 26.32
CA LYS B 219 20.60 -20.26 25.65
C LYS B 219 21.47 -20.36 24.39
N VAL B 220 22.57 -21.11 24.51
CA VAL B 220 23.59 -21.17 23.46
C VAL B 220 23.53 -22.46 22.67
N GLY B 221 22.57 -23.32 22.93
CA GLY B 221 22.49 -24.62 22.31
C GLY B 221 22.82 -25.75 23.29
N LEU B 222 22.49 -26.96 22.87
CA LEU B 222 22.63 -28.15 23.72
C LEU B 222 23.42 -29.23 22.99
N GLY B 223 24.20 -29.98 23.77
CA GLY B 223 24.89 -31.15 23.23
C GLY B 223 25.83 -30.75 22.12
N LYS B 224 25.72 -31.45 20.99
CA LYS B 224 26.54 -31.11 19.83
C LYS B 224 26.21 -29.73 19.29
N GLY B 225 25.07 -29.17 19.66
CA GLY B 225 24.69 -27.84 19.24
C GLY B 225 25.15 -26.70 20.13
N ARG B 226 25.96 -26.98 21.15
CA ARG B 226 26.44 -25.91 22.03
C ARG B 226 27.27 -24.92 21.22
N GLY B 227 26.85 -23.65 21.27
CA GLY B 227 27.47 -22.60 20.50
C GLY B 227 26.75 -22.25 19.21
N TYR B 228 25.79 -23.07 18.79
CA TYR B 228 25.15 -22.91 17.50
C TYR B 228 23.74 -22.33 17.61
N ASN B 229 23.42 -21.74 18.76
CA ASN B 229 22.18 -20.99 18.95
C ASN B 229 22.55 -19.64 19.55
N VAL B 230 22.21 -18.57 18.87
CA VAL B 230 22.61 -17.22 19.28
C VAL B 230 21.35 -16.38 19.43
N ASN B 231 21.00 -16.06 20.68
CA ASN B 231 19.87 -15.19 20.98
C ASN B 231 20.38 -13.79 21.30
N ILE B 232 19.84 -12.80 20.60
CA ILE B 232 20.14 -11.39 20.86
C ILE B 232 18.87 -10.72 21.37
N PRO B 233 18.67 -10.67 22.68
CA PRO B 233 17.40 -10.17 23.22
C PRO B 233 17.44 -8.69 23.57
N TRP B 234 16.43 -7.94 23.15
CA TRP B 234 16.34 -6.51 23.42
C TRP B 234 15.46 -6.26 24.63
N ASN B 235 15.91 -5.39 25.53
CA ASN B 235 15.13 -4.98 26.69
C ASN B 235 15.08 -3.47 26.80
N GLY B 236 13.98 -2.97 27.32
CA GLY B 236 13.82 -1.59 27.71
C GLY B 236 14.27 -0.54 26.71
N GLY B 237 13.62 -0.50 25.55
CA GLY B 237 13.98 0.47 24.53
C GLY B 237 13.31 0.22 23.21
N LYS B 238 13.02 1.29 22.48
CA LYS B 238 12.44 1.21 21.14
C LYS B 238 13.60 1.08 20.15
N MET B 239 14.03 -0.15 19.93
CA MET B 239 15.21 -0.38 19.11
C MET B 239 14.93 -0.07 17.64
N GLY B 240 15.98 0.28 16.93
CA GLY B 240 15.88 0.60 15.53
C GLY B 240 17.17 0.33 14.81
N ASP B 241 17.35 0.99 13.67
CA ASP B 241 18.53 0.81 12.82
C ASP B 241 19.85 0.84 13.59
N PRO B 242 20.12 1.79 14.49
CA PRO B 242 21.43 1.79 15.16
C PRO B 242 21.70 0.50 15.92
N GLU B 243 20.71 0.01 16.66
CA GLU B 243 20.90 -1.21 17.45
C GLU B 243 21.06 -2.43 16.55
N TYR B 244 20.30 -2.51 15.46
CA TYR B 244 20.39 -3.67 14.58
C TYR B 244 21.70 -3.65 13.78
N MET B 245 22.14 -2.48 13.34
CA MET B 245 23.44 -2.39 12.69
C MET B 245 24.56 -2.78 13.65
N ALA B 246 24.46 -2.36 14.90
CA ALA B 246 25.49 -2.70 15.89
C ALA B 246 25.50 -4.20 16.18
N ALA B 247 24.32 -4.81 16.29
CA ALA B 247 24.26 -6.25 16.53
C ALA B 247 24.85 -7.03 15.36
N PHE B 248 24.60 -6.57 14.13
CA PHE B 248 25.19 -7.24 12.98
C PHE B 248 26.70 -7.06 12.95
N HIS B 249 27.20 -5.88 13.31
CA HIS B 249 28.63 -5.63 13.26
C HIS B 249 29.37 -6.46 14.31
N HIS B 250 28.86 -6.48 15.53
CA HIS B 250 29.57 -7.11 16.63
C HIS B 250 29.27 -8.59 16.79
N LEU B 251 28.12 -9.07 16.30
CA LEU B 251 27.71 -10.43 16.60
C LEU B 251 27.36 -11.24 15.36
N VAL B 252 26.34 -10.81 14.62
CA VAL B 252 25.78 -11.64 13.55
C VAL B 252 26.86 -11.95 12.51
N MET B 253 27.49 -10.92 11.98
CA MET B 253 28.42 -11.15 10.88
C MET B 253 29.71 -11.84 11.32
N PRO B 254 30.33 -11.47 12.45
CA PRO B 254 31.53 -12.24 12.87
C PRO B 254 31.26 -13.72 13.08
N ILE B 255 30.16 -14.06 13.77
CA ILE B 255 29.82 -15.46 13.96
C ILE B 255 29.50 -16.14 12.64
N ALA B 256 28.72 -15.46 11.79
CA ALA B 256 28.32 -16.05 10.51
C ALA B 256 29.53 -16.31 9.63
N ARG B 257 30.50 -15.39 9.59
N ARG B 257 30.50 -15.39 9.60
CA ARG B 257 31.69 -15.59 8.77
CA ARG B 257 31.68 -15.59 8.76
C ARG B 257 32.49 -16.79 9.25
C ARG B 257 32.51 -16.77 9.25
N GLU B 258 32.59 -16.96 10.57
CA GLU B 258 33.35 -18.09 11.11
C GLU B 258 32.62 -19.41 10.83
N PHE B 259 31.29 -19.41 10.95
CA PHE B 259 30.51 -20.61 10.62
C PHE B 259 30.65 -20.97 9.15
N ALA B 260 30.83 -19.98 8.28
CA ALA B 260 31.00 -20.17 6.84
C ALA B 260 29.82 -20.97 6.27
N PRO B 261 28.61 -20.41 6.29
CA PRO B 261 27.46 -21.18 5.82
C PRO B 261 27.53 -21.42 4.33
N GLU B 262 26.90 -22.50 3.89
CA GLU B 262 26.73 -22.79 2.48
C GLU B 262 25.38 -22.35 1.95
N LEU B 263 24.46 -21.99 2.84
CA LEU B 263 23.16 -21.44 2.48
C LEU B 263 22.70 -20.55 3.63
N VAL B 264 22.13 -19.39 3.30
CA VAL B 264 21.59 -18.46 4.28
C VAL B 264 20.08 -18.37 4.09
N LEU B 265 19.33 -18.70 5.14
CA LEU B 265 17.90 -18.47 5.18
C LEU B 265 17.62 -17.32 6.12
N VAL B 266 16.81 -16.36 5.68
CA VAL B 266 16.39 -15.27 6.55
C VAL B 266 14.94 -15.52 6.94
N SER B 267 14.71 -15.72 8.23
CA SER B 267 13.36 -15.66 8.78
C SER B 267 13.03 -14.18 8.87
N ALA B 268 12.47 -13.65 7.79
CA ALA B 268 12.34 -12.20 7.60
C ALA B 268 10.92 -11.77 7.94
N GLY B 269 10.65 -11.70 9.24
CA GLY B 269 9.51 -10.95 9.69
C GLY B 269 9.83 -9.46 9.63
N PHE B 270 8.81 -8.66 9.36
CA PHE B 270 9.00 -7.23 9.29
C PHE B 270 8.18 -6.51 10.35
N ASP B 271 8.01 -7.15 11.51
CA ASP B 271 7.28 -6.53 12.60
C ASP B 271 8.17 -5.78 13.58
N ALA B 272 9.48 -5.75 13.34
CA ALA B 272 10.32 -4.76 14.00
C ALA B 272 10.30 -3.42 13.28
N ALA B 273 9.48 -3.31 12.23
CA ALA B 273 9.52 -2.13 11.37
C ALA B 273 8.81 -0.94 12.02
N ARG B 274 9.31 0.25 11.73
CA ARG B 274 8.59 1.47 12.05
C ARG B 274 7.16 1.38 11.54
N GLY B 275 6.20 1.63 12.43
CA GLY B 275 4.79 1.59 12.08
C GLY B 275 4.09 0.28 12.37
N ASP B 276 4.81 -0.75 12.76
CA ASP B 276 4.16 -2.04 13.02
C ASP B 276 3.22 -1.92 14.22
N PRO B 277 2.02 -2.50 14.14
CA PRO B 277 1.06 -2.37 15.25
C PRO B 277 1.40 -3.20 16.47
N LEU B 278 2.25 -4.22 16.34
CA LEU B 278 2.56 -5.13 17.43
C LEU B 278 3.97 -4.99 17.97
N GLY B 279 4.96 -4.75 17.11
CA GLY B 279 6.35 -4.83 17.52
C GLY B 279 6.85 -3.71 18.40
N GLY B 280 6.44 -2.48 18.12
CA GLY B 280 6.89 -1.35 18.92
C GLY B 280 8.31 -0.90 18.66
N PHE B 281 8.93 -1.34 17.56
CA PHE B 281 10.28 -0.95 17.18
C PHE B 281 10.22 -0.01 15.98
N GLN B 282 11.39 0.41 15.50
CA GLN B 282 11.44 1.43 14.46
C GLN B 282 12.55 1.16 13.45
N VAL B 283 12.73 -0.11 13.07
CA VAL B 283 13.64 -0.42 11.97
C VAL B 283 13.06 0.11 10.67
N THR B 284 13.88 0.76 9.86
CA THR B 284 13.41 1.39 8.63
C THR B 284 13.61 0.46 7.45
N PRO B 285 12.93 0.71 6.32
CA PRO B 285 13.20 -0.11 5.12
C PRO B 285 14.65 -0.06 4.71
N GLU B 286 15.26 1.13 4.76
CA GLU B 286 16.69 1.24 4.48
C GLU B 286 17.51 0.39 5.45
N GLY B 287 17.08 0.31 6.71
CA GLY B 287 17.73 -0.57 7.65
C GLY B 287 17.70 -2.02 7.21
N TYR B 288 16.51 -2.52 6.86
CA TYR B 288 16.40 -3.89 6.35
C TYR B 288 17.26 -4.08 5.10
N ALA B 289 17.35 -3.05 4.26
CA ALA B 289 18.18 -3.15 3.07
C ALA B 289 19.64 -3.36 3.42
N HIS B 290 20.12 -2.67 4.46
CA HIS B 290 21.51 -2.81 4.87
C HIS B 290 21.77 -4.16 5.51
N LEU B 291 20.81 -4.66 6.29
CA LEU B 291 20.95 -6.02 6.84
C LEU B 291 21.04 -7.05 5.72
N THR B 292 20.17 -6.91 4.70
CA THR B 292 20.21 -7.83 3.57
C THR B 292 21.54 -7.77 2.84
N HIS B 293 22.02 -6.55 2.58
CA HIS B 293 23.28 -6.38 1.86
C HIS B 293 24.44 -7.03 2.60
N GLN B 294 24.43 -6.99 3.93
CA GLN B 294 25.49 -7.64 4.70
C GLN B 294 25.41 -9.15 4.57
N LEU B 295 24.20 -9.71 4.65
CA LEU B 295 24.05 -11.16 4.55
C LEU B 295 24.45 -11.67 3.17
N MET B 296 24.35 -10.81 2.14
CA MET B 296 24.72 -11.23 0.79
C MET B 296 26.21 -11.51 0.65
N SER B 297 27.03 -11.05 1.60
CA SER B 297 28.45 -11.35 1.58
C SER B 297 28.76 -12.77 2.07
N LEU B 298 27.73 -13.52 2.49
CA LEU B 298 27.90 -14.87 2.98
C LEU B 298 27.47 -15.89 1.94
N ALA B 299 27.97 -17.12 2.10
CA ALA B 299 27.52 -18.29 1.35
C ALA B 299 27.58 -18.07 -0.16
N ALA B 300 28.58 -17.32 -0.62
CA ALA B 300 28.69 -16.97 -2.05
C ALA B 300 27.41 -16.32 -2.57
N GLY B 301 26.71 -15.60 -1.68
CA GLY B 301 25.49 -14.90 -2.03
C GLY B 301 24.23 -15.73 -2.00
N ARG B 302 24.30 -16.98 -1.57
N ARG B 302 24.30 -16.98 -1.56
CA ARG B 302 23.15 -17.88 -1.56
CA ARG B 302 23.14 -17.87 -1.60
C ARG B 302 22.26 -17.53 -0.38
C ARG B 302 22.23 -17.57 -0.40
N VAL B 303 21.33 -16.61 -0.61
CA VAL B 303 20.45 -16.10 0.44
C VAL B 303 19.00 -16.28 -0.01
N LEU B 304 18.18 -16.85 0.87
CA LEU B 304 16.74 -16.98 0.66
C LEU B 304 16.01 -16.22 1.76
N ILE B 305 15.24 -15.20 1.36
CA ILE B 305 14.51 -14.36 2.30
C ILE B 305 13.07 -14.87 2.38
N ILE B 306 12.64 -15.26 3.57
CA ILE B 306 11.36 -15.91 3.79
C ILE B 306 10.50 -15.03 4.69
N LEU B 307 9.32 -14.66 4.21
CA LEU B 307 8.43 -13.82 5.00
C LEU B 307 7.98 -14.56 6.25
N GLU B 308 8.11 -13.90 7.41
CA GLU B 308 7.52 -14.40 8.64
C GLU B 308 6.39 -13.47 9.06
N GLY B 309 6.57 -12.73 10.15
CA GLY B 309 5.59 -11.78 10.62
C GLY B 309 5.72 -10.41 9.97
N GLY B 310 5.08 -9.42 10.59
CA GLY B 310 5.02 -8.07 10.06
C GLY B 310 3.62 -7.69 9.66
N TYR B 311 3.06 -6.63 10.26
CA TYR B 311 1.62 -6.44 10.25
C TYR B 311 1.14 -5.06 9.82
N ASN B 312 2.03 -4.10 9.58
CA ASN B 312 1.67 -2.86 8.89
C ASN B 312 1.85 -3.10 7.40
N LEU B 313 0.74 -3.13 6.66
CA LEU B 313 0.78 -3.52 5.26
C LEU B 313 1.69 -2.61 4.44
N THR B 314 1.67 -1.31 4.71
CA THR B 314 2.56 -0.39 4.00
C THR B 314 4.01 -0.60 4.40
N SER B 315 4.26 -0.83 5.71
CA SER B 315 5.63 -1.00 6.18
C SER B 315 6.26 -2.29 5.66
N ILE B 316 5.52 -3.40 5.68
CA ILE B 316 6.11 -4.66 5.24
C ILE B 316 6.31 -4.65 3.72
N SER B 317 5.44 -3.95 2.99
CA SER B 317 5.59 -3.88 1.55
C SER B 317 6.84 -3.09 1.17
N GLU B 318 7.06 -1.93 1.81
CA GLU B 318 8.26 -1.17 1.52
C GLU B 318 9.51 -1.89 1.99
N SER B 319 9.44 -2.54 3.15
CA SER B 319 10.63 -3.16 3.72
C SER B 319 11.08 -4.37 2.91
N MET B 320 10.14 -5.28 2.59
CA MET B 320 10.54 -6.47 1.85
C MET B 320 10.99 -6.13 0.44
N SER B 321 10.33 -5.16 -0.22
CA SER B 321 10.77 -4.79 -1.55
CA SER B 321 10.75 -4.73 -1.55
C SER B 321 12.18 -4.19 -1.52
N MET B 322 12.53 -3.48 -0.45
CA MET B 322 13.90 -2.98 -0.31
C MET B 322 14.89 -4.14 -0.24
N CYS B 323 14.52 -5.23 0.44
CA CYS B 323 15.39 -6.39 0.52
C CYS B 323 15.58 -7.02 -0.85
N THR B 324 14.50 -7.17 -1.61
CA THR B 324 14.60 -7.71 -2.96
C THR B 324 15.46 -6.82 -3.85
N SER B 325 15.34 -5.51 -3.70
CA SER B 325 16.20 -4.59 -4.44
C SER B 325 17.67 -4.88 -4.15
N MET B 326 18.00 -5.17 -2.89
CA MET B 326 19.38 -5.51 -2.55
C MET B 326 19.79 -6.83 -3.20
N LEU B 327 18.93 -7.86 -3.14
CA LEU B 327 19.26 -9.14 -3.75
C LEU B 327 19.52 -8.99 -5.24
N LEU B 328 18.84 -8.04 -5.89
CA LEU B 328 19.00 -7.79 -7.31
C LEU B 328 20.28 -7.02 -7.64
N GLY B 329 21.04 -6.60 -6.63
CA GLY B 329 22.30 -5.92 -6.85
C GLY B 329 22.28 -4.41 -6.75
N ASP B 330 21.16 -3.82 -6.35
CA ASP B 330 21.06 -2.37 -6.28
C ASP B 330 21.88 -1.83 -5.12
N SER B 331 22.36 -0.60 -5.27
CA SER B 331 23.21 0.00 -4.25
C SER B 331 22.40 0.29 -3.00
N PRO B 332 22.95 0.04 -1.82
CA PRO B 332 22.21 0.27 -0.57
C PRO B 332 21.85 1.73 -0.40
N PRO B 333 20.63 2.03 0.02
CA PRO B 333 20.24 3.42 0.26
C PRO B 333 20.85 3.96 1.53
N SER B 334 20.96 5.29 1.59
CA SER B 334 21.50 5.95 2.76
C SER B 334 20.60 5.73 3.97
N LEU B 335 21.22 5.44 5.10
CA LEU B 335 20.48 5.38 6.35
C LEU B 335 20.22 6.79 6.87
N ASP B 336 19.23 6.89 7.76
CA ASP B 336 19.01 8.12 8.50
C ASP B 336 20.15 8.33 9.50
N HIS B 337 20.16 9.50 10.14
CA HIS B 337 21.09 9.74 11.22
C HIS B 337 20.93 8.69 12.31
N LEU B 338 22.04 8.08 12.72
CA LEU B 338 22.03 7.00 13.70
C LEU B 338 22.26 7.59 15.09
N THR B 339 21.25 7.51 15.94
CA THR B 339 21.41 7.92 17.34
C THR B 339 22.39 7.00 18.04
N PRO B 340 23.00 7.45 19.13
CA PRO B 340 23.83 6.56 19.94
C PRO B 340 23.01 5.40 20.47
N LEU B 341 23.65 4.23 20.58
CA LEU B 341 22.96 3.04 21.05
C LEU B 341 22.27 3.30 22.37
N LYS B 342 21.02 2.83 22.48
CA LYS B 342 20.35 2.87 23.76
C LYS B 342 21.13 2.02 24.75
N THR B 343 21.11 2.46 26.02
CA THR B 343 21.97 1.87 27.05
C THR B 343 21.79 0.36 27.13
N SER B 344 20.54 -0.10 27.16
CA SER B 344 20.26 -1.53 27.31
C SER B 344 20.68 -2.32 26.09
N ALA B 345 20.71 -1.69 24.91
CA ALA B 345 21.15 -2.39 23.71
C ALA B 345 22.63 -2.75 23.80
N THR B 346 23.46 -1.83 24.31
CA THR B 346 24.86 -2.15 24.56
C THR B 346 24.98 -3.29 25.57
N VAL B 347 24.18 -3.23 26.63
CA VAL B 347 24.17 -4.31 27.63
C VAL B 347 23.85 -5.64 26.96
N SER B 348 22.81 -5.67 26.12
CA SER B 348 22.41 -6.90 25.45
C SER B 348 23.52 -7.44 24.57
N ILE B 349 24.12 -6.58 23.74
CA ILE B 349 25.18 -7.03 22.85
C ILE B 349 26.37 -7.55 23.66
N ASN B 350 26.71 -6.87 24.76
CA ASN B 350 27.82 -7.32 25.58
C ASN B 350 27.50 -8.63 26.30
N ASN B 351 26.24 -8.85 26.65
CA ASN B 351 25.86 -10.12 27.28
C ASN B 351 25.99 -11.28 26.29
N VAL B 352 25.61 -11.06 25.04
CA VAL B 352 25.75 -12.11 24.03
C VAL B 352 27.22 -12.37 23.73
N LEU B 353 28.01 -11.30 23.65
CA LEU B 353 29.45 -11.46 23.40
C LEU B 353 30.11 -12.34 24.45
N ARG B 354 29.75 -12.14 25.71
CA ARG B 354 30.33 -12.97 26.77
C ARG B 354 29.80 -14.40 26.70
N ALA B 355 28.55 -14.59 26.30
CA ALA B 355 28.00 -15.93 26.25
C ALA B 355 28.57 -16.75 25.10
N HIS B 356 28.99 -16.10 24.01
CA HIS B 356 29.44 -16.85 22.84
C HIS B 356 30.93 -16.72 22.56
N ALA B 357 31.65 -15.88 23.30
CA ALA B 357 33.10 -15.84 23.18
C ALA B 357 33.75 -17.21 23.39
N PRO B 358 33.23 -18.08 24.26
CA PRO B 358 33.83 -19.42 24.36
C PRO B 358 33.72 -20.26 23.10
N PHE B 359 32.78 -19.97 22.20
CA PHE B 359 32.54 -20.82 21.04
C PHE B 359 33.01 -20.24 19.72
N TRP B 360 33.25 -18.93 19.65
CA TRP B 360 33.55 -18.27 18.39
C TRP B 360 34.80 -17.41 18.60
N SER B 361 35.90 -17.82 17.98
CA SER B 361 37.17 -17.11 18.17
C SER B 361 37.13 -15.71 17.55
N SER B 362 36.26 -15.47 16.57
CA SER B 362 36.13 -14.15 15.99
C SER B 362 35.59 -13.12 16.97
N LEU B 363 35.08 -13.56 18.14
CA LEU B 363 34.51 -12.67 19.13
C LEU B 363 35.49 -12.29 20.23
N ARG B 364 36.70 -12.81 20.21
CA ARG B 364 37.66 -12.54 21.28
C ARG B 364 38.66 -11.44 20.88
ZN ZN C . -6.80 11.78 -14.73
K K D . -7.60 18.78 -14.02
K K E . -18.42 27.88 -15.46
C02 FBJ F . -7.82 9.72 -16.35
C05 FBJ F . -7.82 8.77 -17.72
C06 FBJ F . -8.74 8.52 -18.60
C07 FBJ F . -8.25 7.93 -19.95
C08 FBJ F . -6.72 7.87 -19.76
C09 FBJ F . -6.44 8.51 -18.37
N03 FBJ F . -8.67 10.88 -16.28
O01 FBJ F . -7.10 9.44 -15.40
O04 FBJ F . -8.73 11.73 -15.21
C1 EDO G . -26.34 26.39 3.43
O1 EDO G . -25.79 27.07 4.57
C2 EDO G . -26.28 27.32 2.24
O2 EDO G . -25.17 28.23 2.38
C1 EDO H . -26.52 5.54 -30.00
O1 EDO H . -25.71 6.61 -29.51
C2 EDO H . -27.28 5.99 -31.24
O2 EDO H . -28.16 7.06 -30.91
C1 EDO I . -33.48 -1.39 -17.29
O1 EDO I . -32.74 -1.75 -16.12
C2 EDO I . -32.52 -0.76 -18.30
O2 EDO I . -33.18 -0.58 -19.55
C1 EDO J . -30.61 21.33 2.67
O1 EDO J . -29.34 21.92 2.97
C2 EDO J . -30.89 20.11 3.53
O2 EDO J . -31.02 18.95 2.70
C1 EDO K . -20.17 21.26 12.55
O1 EDO K . -20.15 22.08 11.38
C2 EDO K . -19.21 20.09 12.35
O2 EDO K . -17.94 20.63 11.96
C1 EDO L . -15.18 24.17 -26.02
O1 EDO L . -15.23 23.97 -24.60
C2 EDO L . -14.47 25.48 -26.31
O2 EDO L . -15.27 26.55 -25.81
ZN ZN M . 6.79 -11.68 14.73
K K N . 13.65 -13.08 15.74
K K O . 21.56 -24.85 16.25
C02 FBJ P . 4.33 -12.83 15.39
C05 FBJ P . 3.01 -13.04 16.40
C06 FBJ P . 2.50 -14.10 16.96
C07 FBJ P . 1.54 -13.82 18.15
C08 FBJ P . 1.69 -12.31 18.38
C09 FBJ P . 2.55 -11.78 17.19
N03 FBJ P . 5.41 -13.78 15.41
O01 FBJ P . 4.38 -11.88 14.62
O04 FBJ P . 6.52 -13.68 14.63
C1 EDO Q . 25.64 -27.89 -2.65
O1 EDO Q . 26.61 -27.01 -2.08
C2 EDO Q . 25.09 -27.28 -3.93
O2 EDO Q . 26.13 -26.51 -4.57
C1 EDO R . 16.33 -23.75 26.86
O1 EDO R . 17.46 -24.57 26.53
C2 EDO R . 15.15 -24.17 25.99
O2 EDO R . 15.38 -23.77 24.63
C1 EDO S . 21.13 -23.68 26.87
O1 EDO S . 22.52 -23.50 26.61
C2 EDO S . 20.48 -24.41 25.70
O2 EDO S . 20.23 -23.53 24.60
#